data_7M0K
#
_entry.id   7M0K
#
_cell.length_a   45.074
_cell.length_b   76.627
_cell.length_c   89.200
_cell.angle_alpha   90.020
_cell.angle_beta   97.020
_cell.angle_gamma   89.980
#
_symmetry.space_group_name_H-M   'P 1'
#
loop_
_entity.id
_entity.type
_entity.pdbx_description
1 polymer 'Mitogen-activated protein kinase kinase kinase kinase 1'
2 non-polymer 4-anilino-2-[(6-methoxy-2-methyl-1,2,3,4-tetrahydroisoquinolin-7-yl)amino]pyrimidine-5-carboxamide
3 water water
#
_entity_poly.entity_id   1
_entity_poly.type   'polypeptide(L)'
_entity_poly.pdbx_seq_one_letter_code
;PDIFNRDPRDHYDLLQRLGGGTYGEVFKARDKVSGDLVALKMVKMEPDDDVSTLQKEILILKTCRHANIVAYHGSYLWLQ
KLWICMEFCGAGSLQDIYQVTGSLSELQISYVCREVLQGLAYLHSQKKIHRDIKGANILINDAGEVRLADFGISAQIGAE
LARRLEFIGTPYWMAPEVAAVALKGGYNELCDIWSLGITAIELAELQPPLFDVHPLRVLFLMTKSGYQPPRLKEKGKWSA
AFHNFIKVTLTKSPKKRPSATKMLSHQLVSQPGLNRGLILDLLDKLKNP
;
_entity_poly.pdbx_strand_id   A,B,C,D
#
# COMPACT_ATOMS: atom_id res chain seq x y z
N PRO A 1 20.47 8.69 -10.83
CA PRO A 1 21.12 7.65 -11.62
C PRO A 1 20.31 7.20 -12.84
N ASP A 2 20.86 7.41 -14.04
CA ASP A 2 20.23 6.98 -15.31
C ASP A 2 20.52 5.50 -15.58
N ILE A 3 19.60 4.64 -15.15
CA ILE A 3 19.59 3.21 -15.49
C ILE A 3 18.79 3.07 -16.81
N PHE A 4 19.49 2.73 -17.89
CA PHE A 4 18.88 2.69 -19.23
C PHE A 4 18.06 1.41 -19.39
N ASN A 5 16.77 1.53 -19.69
CA ASN A 5 15.86 0.37 -19.87
C ASN A 5 15.94 -0.09 -21.33
N ARG A 6 17.08 -0.73 -21.64
CA ARG A 6 17.42 -1.18 -22.99
C ARG A 6 18.42 -2.34 -22.93
N ASP A 7 18.49 -3.07 -24.05
CA ASP A 7 19.44 -4.19 -24.21
C ASP A 7 20.86 -3.61 -24.37
N PRO A 8 21.81 -4.05 -23.51
CA PRO A 8 23.21 -3.63 -23.73
C PRO A 8 23.93 -4.31 -24.92
N ARG A 9 23.37 -5.41 -25.43
CA ARG A 9 23.88 -6.05 -26.68
C ARG A 9 23.81 -5.15 -27.93
N ASP A 10 22.87 -4.22 -27.96
CA ASP A 10 22.82 -3.17 -29.01
C ASP A 10 24.01 -2.19 -28.95
N HIS A 11 24.44 -1.87 -27.73
CA HIS A 11 25.52 -0.90 -27.46
C HIS A 11 26.92 -1.53 -27.33
N TYR A 12 27.00 -2.74 -26.77
CA TYR A 12 28.25 -3.49 -26.63
C TYR A 12 28.19 -4.88 -27.26
N ASP A 13 29.33 -5.37 -27.76
CA ASP A 13 29.52 -6.76 -28.23
C ASP A 13 30.30 -7.51 -27.14
N LEU A 14 29.74 -8.61 -26.62
CA LEU A 14 30.39 -9.42 -25.57
C LEU A 14 31.48 -10.29 -26.21
N LEU A 15 32.74 -10.08 -25.79
CA LEU A 15 33.89 -10.77 -26.38
C LEU A 15 34.22 -12.06 -25.65
N GLN A 16 34.55 -11.93 -24.37
CA GLN A 16 35.22 -12.97 -23.58
C GLN A 16 34.76 -12.93 -22.13
N ARG A 17 34.40 -14.10 -21.59
CA ARG A 17 34.07 -14.26 -20.17
C ARG A 17 35.36 -14.13 -19.34
N LEU A 18 35.37 -13.20 -18.39
CA LEU A 18 36.52 -12.99 -17.47
C LEU A 18 36.40 -13.82 -16.20
N GLY A 19 35.19 -13.92 -15.67
CA GLY A 19 34.90 -14.74 -14.50
C GLY A 19 33.45 -14.64 -14.06
N GLY A 20 33.16 -15.21 -12.89
CA GLY A 20 31.79 -15.22 -12.35
C GLY A 20 31.58 -16.17 -11.18
N GLY A 21 30.35 -16.15 -10.68
CA GLY A 21 29.93 -17.02 -9.60
C GLY A 21 28.41 -17.08 -9.51
N THR A 22 27.91 -17.08 -8.28
CA THR A 22 26.46 -17.13 -8.02
C THR A 22 25.78 -15.81 -8.37
N TYR A 23 26.43 -14.69 -8.02
CA TYR A 23 25.97 -13.32 -8.38
C TYR A 23 25.66 -13.11 -9.88
N GLY A 24 26.46 -13.74 -10.74
CA GLY A 24 26.38 -13.61 -12.20
C GLY A 24 27.76 -13.63 -12.83
N GLU A 25 27.90 -12.92 -13.94
CA GLU A 25 29.02 -13.03 -14.88
C GLU A 25 29.68 -11.65 -15.10
N VAL A 26 30.98 -11.65 -15.43
CA VAL A 26 31.69 -10.45 -15.89
C VAL A 26 32.38 -10.76 -17.21
N PHE A 27 32.07 -9.97 -18.24
CA PHE A 27 32.63 -10.11 -19.59
C PHE A 27 33.56 -8.95 -19.96
N LYS A 28 34.57 -9.25 -20.80
CA LYS A 28 35.24 -8.25 -21.64
C LYS A 28 34.28 -7.92 -22.79
N ALA A 29 34.04 -6.63 -23.02
CA ALA A 29 33.11 -6.16 -24.05
C ALA A 29 33.60 -4.92 -24.78
N ARG A 30 33.30 -4.84 -26.09
CA ARG A 30 33.73 -3.72 -26.96
C ARG A 30 32.55 -2.83 -27.29
N ASP A 31 32.74 -1.51 -27.21
CA ASP A 31 31.73 -0.52 -27.66
C ASP A 31 31.67 -0.53 -29.20
N LYS A 32 30.45 -0.54 -29.74
CA LYS A 32 30.23 -0.80 -31.20
C LYS A 32 30.77 0.31 -32.12
N VAL A 33 30.51 1.55 -31.74
CA VAL A 33 30.92 2.75 -32.47
C VAL A 33 32.22 3.28 -31.89
N SER A 34 32.19 3.66 -30.60
CA SER A 34 33.30 4.31 -29.90
C SER A 34 34.58 3.46 -29.72
N GLY A 35 34.46 2.13 -29.77
CA GLY A 35 35.60 1.23 -29.72
C GLY A 35 36.28 1.02 -28.37
N ASP A 36 35.69 1.56 -27.30
CA ASP A 36 36.21 1.38 -25.94
C ASP A 36 36.00 -0.07 -25.49
N LEU A 37 37.03 -0.63 -24.88
CA LEU A 37 36.91 -1.90 -24.15
C LEU A 37 36.35 -1.60 -22.77
N VAL A 38 35.36 -2.39 -22.36
CA VAL A 38 34.75 -2.28 -21.02
C VAL A 38 34.66 -3.65 -20.35
N ALA A 39 34.45 -3.60 -19.04
CA ALA A 39 34.04 -4.74 -18.23
C ALA A 39 32.52 -4.66 -18.04
N LEU A 40 31.77 -5.65 -18.53
CA LEU A 40 30.29 -5.72 -18.37
C LEU A 40 29.94 -6.80 -17.35
N LYS A 41 29.49 -6.37 -16.16
CA LYS A 41 29.10 -7.26 -15.07
C LYS A 41 27.59 -7.54 -15.14
N MET A 42 27.22 -8.75 -15.58
CA MET A 42 25.83 -9.22 -15.54
C MET A 42 25.46 -9.68 -14.12
N VAL A 43 24.37 -9.15 -13.60
CA VAL A 43 23.85 -9.45 -12.25
C VAL A 43 22.40 -9.93 -12.42
N LYS A 44 22.16 -11.14 -11.92
CA LYS A 44 20.85 -11.81 -12.05
C LYS A 44 19.86 -11.16 -11.05
N MET A 45 18.71 -10.71 -11.54
CA MET A 45 17.73 -9.94 -10.74
C MET A 45 16.54 -10.83 -10.39
N GLU A 46 16.35 -11.15 -9.10
CA GLU A 46 15.20 -11.97 -8.66
C GLU A 46 13.93 -11.13 -8.62
N PRO A 47 12.74 -11.75 -8.86
CA PRO A 47 11.49 -10.97 -9.06
C PRO A 47 11.02 -10.05 -7.91
N ASP A 48 11.26 -10.46 -6.66
CA ASP A 48 10.86 -9.68 -5.46
C ASP A 48 12.05 -8.91 -4.86
N ASP A 49 12.62 -8.03 -5.69
CA ASP A 49 13.70 -7.11 -5.33
C ASP A 49 13.16 -5.68 -5.41
N ASP A 50 13.49 -4.84 -4.41
CA ASP A 50 13.14 -3.42 -4.41
C ASP A 50 13.95 -2.67 -5.48
N VAL A 51 13.23 -2.13 -6.46
CA VAL A 51 13.81 -1.23 -7.49
C VAL A 51 14.39 0.06 -6.89
N SER A 52 13.75 0.59 -5.83
CA SER A 52 14.25 1.74 -5.07
C SER A 52 15.64 1.52 -4.43
N THR A 53 15.87 0.33 -3.86
CA THR A 53 17.18 -0.02 -3.27
C THR A 53 18.25 -0.21 -4.36
N LEU A 54 17.88 -0.87 -5.47
CA LEU A 54 18.70 -0.96 -6.69
C LEU A 54 19.16 0.40 -7.24
N GLN A 55 18.23 1.35 -7.25
CA GLN A 55 18.49 2.74 -7.63
C GLN A 55 19.47 3.43 -6.69
N LYS A 56 19.28 3.25 -5.38
CA LYS A 56 20.22 3.74 -4.35
C LYS A 56 21.61 3.08 -4.43
N GLU A 57 21.67 1.79 -4.77
CA GLU A 57 22.93 1.06 -4.94
C GLU A 57 23.73 1.48 -6.18
N ILE A 58 23.04 1.74 -7.30
CA ILE A 58 23.65 2.31 -8.52
C ILE A 58 24.07 3.78 -8.31
N LEU A 59 23.29 4.54 -7.53
CA LEU A 59 23.66 5.88 -7.06
C LEU A 59 24.93 5.86 -6.19
N ILE A 60 25.08 4.83 -5.35
CA ILE A 60 26.32 4.59 -4.58
C ILE A 60 27.51 4.29 -5.49
N LEU A 61 27.30 3.48 -6.53
CA LEU A 61 28.34 3.23 -7.56
C LEU A 61 28.68 4.46 -8.41
N LYS A 62 27.67 5.27 -8.74
CA LYS A 62 27.85 6.52 -9.51
C LYS A 62 28.66 7.56 -8.73
N THR A 63 28.29 7.77 -7.47
CA THR A 63 29.00 8.70 -6.57
C THR A 63 30.41 8.23 -6.15
N CYS A 64 30.65 6.91 -6.10
CA CYS A 64 31.98 6.34 -5.72
C CYS A 64 32.99 6.47 -6.88
N ARG A 65 33.59 7.66 -6.96
CA ARG A 65 34.59 8.01 -7.96
C ARG A 65 35.94 8.32 -7.31
N HIS A 66 36.97 7.58 -7.70
CA HIS A 66 38.33 7.67 -7.18
C HIS A 66 39.26 6.92 -8.13
N ALA A 67 40.50 7.39 -8.25
CA ALA A 67 41.50 6.83 -9.19
C ALA A 67 41.74 5.31 -8.99
N ASN A 68 41.94 4.91 -7.74
CA ASN A 68 42.13 3.49 -7.35
C ASN A 68 40.87 2.58 -7.21
N ILE A 69 39.68 3.11 -7.54
CA ILE A 69 38.45 2.31 -7.60
C ILE A 69 38.03 2.25 -9.07
N VAL A 70 37.62 1.06 -9.48
CA VAL A 70 37.25 0.81 -10.88
C VAL A 70 36.05 1.70 -11.27
N ALA A 71 36.17 2.42 -12.38
CA ALA A 71 35.17 3.46 -12.75
C ALA A 71 33.86 2.84 -13.23
N TYR A 72 32.75 3.46 -12.82
CA TYR A 72 31.40 3.13 -13.29
C TYR A 72 31.09 4.03 -14.49
N HIS A 73 30.69 3.43 -15.62
CA HIS A 73 30.27 4.15 -16.84
C HIS A 73 28.75 4.29 -16.92
N GLY A 74 28.05 3.16 -16.76
CA GLY A 74 26.58 3.15 -16.80
C GLY A 74 25.94 1.83 -16.43
N SER A 75 24.61 1.82 -16.48
CA SER A 75 23.78 0.66 -16.14
C SER A 75 22.72 0.38 -17.20
N TYR A 76 22.41 -0.91 -17.37
CA TYR A 76 21.26 -1.38 -18.15
C TYR A 76 20.44 -2.39 -17.33
N LEU A 77 19.11 -2.20 -17.28
CA LEU A 77 18.17 -3.18 -16.71
C LEU A 77 17.34 -3.73 -17.88
N TRP A 78 17.49 -5.03 -18.16
CA TRP A 78 16.85 -5.67 -19.31
C TRP A 78 16.61 -7.17 -19.04
N LEU A 79 15.34 -7.58 -18.98
CA LEU A 79 14.90 -8.98 -18.83
C LEU A 79 15.37 -9.64 -17.52
N GLN A 80 15.13 -8.95 -16.41
CA GLN A 80 15.56 -9.34 -15.06
C GLN A 80 17.07 -9.67 -14.93
N LYS A 81 17.89 -8.86 -15.62
CA LYS A 81 19.35 -8.92 -15.57
C LYS A 81 19.88 -7.48 -15.54
N LEU A 82 20.49 -7.10 -14.42
CA LEU A 82 21.19 -5.81 -14.30
C LEU A 82 22.57 -5.98 -14.92
N TRP A 83 22.91 -5.11 -15.88
CA TRP A 83 24.26 -5.02 -16.44
C TRP A 83 24.92 -3.74 -15.93
N ILE A 84 26.15 -3.85 -15.44
CA ILE A 84 26.92 -2.71 -14.91
C ILE A 84 28.17 -2.59 -15.78
N CYS A 85 28.20 -1.54 -16.59
CA CYS A 85 29.34 -1.24 -17.46
C CYS A 85 30.41 -0.51 -16.67
N MET A 86 31.64 -1.05 -16.71
CA MET A 86 32.76 -0.57 -15.90
C MET A 86 34.05 -0.48 -16.69
N GLU A 87 35.01 0.22 -16.08
CA GLU A 87 36.41 0.30 -16.56
C GLU A 87 37.00 -1.10 -16.71
N PHE A 88 37.64 -1.33 -17.86
CA PHE A 88 38.35 -2.57 -18.16
C PHE A 88 39.78 -2.45 -17.64
N CYS A 89 40.28 -3.52 -17.01
CA CYS A 89 41.67 -3.62 -16.53
C CYS A 89 42.34 -4.78 -17.23
N GLY A 90 43.12 -4.45 -18.28
CA GLY A 90 43.60 -5.42 -19.27
C GLY A 90 44.58 -6.52 -18.85
N ALA A 91 45.24 -6.36 -17.70
CA ALA A 91 46.15 -7.39 -17.16
C ALA A 91 45.50 -8.35 -16.14
N GLY A 92 44.19 -8.21 -15.87
CA GLY A 92 43.50 -9.06 -14.88
C GLY A 92 43.88 -8.72 -13.47
N SER A 93 43.75 -9.71 -12.58
CA SER A 93 44.08 -9.55 -11.17
C SER A 93 45.57 -9.78 -10.91
N LEU A 94 46.03 -9.35 -9.75
CA LEU A 94 47.37 -9.71 -9.25
C LEU A 94 47.59 -11.22 -9.08
N GLN A 95 46.52 -11.95 -8.72
CA GLN A 95 46.54 -13.42 -8.68
C GLN A 95 46.87 -14.03 -10.03
N ASP A 96 46.13 -13.60 -11.06
CA ASP A 96 46.38 -14.04 -12.45
C ASP A 96 47.83 -13.79 -12.89
N ILE A 97 48.38 -12.66 -12.45
CA ILE A 97 49.76 -12.25 -12.74
C ILE A 97 50.78 -13.11 -11.98
N TYR A 98 50.69 -13.15 -10.64
CA TYR A 98 51.71 -13.86 -9.81
C TYR A 98 51.83 -15.35 -10.06
N GLN A 99 50.71 -15.98 -10.45
CA GLN A 99 50.68 -17.38 -10.87
C GLN A 99 51.54 -17.71 -12.11
N VAL A 100 51.81 -16.70 -12.95
CA VAL A 100 52.75 -16.79 -14.08
C VAL A 100 54.13 -16.21 -13.70
N THR A 101 54.14 -14.99 -13.15
CA THR A 101 55.40 -14.26 -12.89
C THR A 101 56.20 -14.76 -11.67
N GLY A 102 55.53 -15.42 -10.72
CA GLY A 102 56.09 -15.68 -9.42
C GLY A 102 55.94 -14.47 -8.53
N SER A 103 56.66 -14.49 -7.41
CA SER A 103 56.46 -13.51 -6.33
C SER A 103 56.86 -12.10 -6.76
N LEU A 104 56.10 -11.12 -6.27
CA LEU A 104 56.39 -9.71 -6.51
C LEU A 104 57.60 -9.30 -5.65
N SER A 105 58.35 -8.30 -6.13
CA SER A 105 59.41 -7.70 -5.34
C SER A 105 58.79 -6.82 -4.25
N GLU A 106 59.62 -6.43 -3.28
CA GLU A 106 59.16 -5.58 -2.18
C GLU A 106 58.63 -4.23 -2.64
N LEU A 107 59.33 -3.59 -3.58
CA LEU A 107 58.92 -2.29 -4.13
C LEU A 107 57.58 -2.38 -4.89
N GLN A 108 57.40 -3.46 -5.66
CA GLN A 108 56.11 -3.77 -6.32
C GLN A 108 54.96 -3.92 -5.32
N ILE A 109 55.20 -4.69 -4.27
CA ILE A 109 54.19 -4.89 -3.20
C ILE A 109 53.90 -3.56 -2.48
N SER A 110 54.95 -2.80 -2.21
CA SER A 110 54.82 -1.47 -1.57
C SER A 110 53.97 -0.49 -2.38
N TYR A 111 54.17 -0.49 -3.71
CA TYR A 111 53.35 0.30 -4.63
C TYR A 111 51.89 -0.17 -4.62
N VAL A 112 51.68 -1.47 -4.78
CA VAL A 112 50.31 -2.05 -4.74
C VAL A 112 49.59 -1.66 -3.44
N CYS A 113 50.27 -1.84 -2.30
CA CYS A 113 49.71 -1.51 -0.99
C CYS A 113 49.33 -0.04 -0.84
N ARG A 114 50.17 0.87 -1.33
CA ARG A 114 49.86 2.32 -1.34
C ARG A 114 48.56 2.60 -2.11
N GLU A 115 48.45 2.01 -3.29
CA GLU A 115 47.28 2.23 -4.15
C GLU A 115 45.99 1.63 -3.59
N VAL A 116 46.08 0.43 -2.97
CA VAL A 116 44.94 -0.18 -2.28
C VAL A 116 44.49 0.67 -1.09
N LEU A 117 45.46 1.13 -0.29
CA LEU A 117 45.19 2.01 0.87
C LEU A 117 44.54 3.34 0.50
N GLN A 118 44.99 3.91 -0.62
CA GLN A 118 44.34 5.07 -1.23
C GLN A 118 42.88 4.79 -1.59
N GLY A 119 42.64 3.65 -2.23
CA GLY A 119 41.30 3.13 -2.46
C GLY A 119 40.47 2.90 -1.20
N LEU A 120 41.08 2.26 -0.20
CA LEU A 120 40.39 1.95 1.07
C LEU A 120 40.06 3.18 1.91
N ALA A 121 41.01 4.13 2.00
CA ALA A 121 40.78 5.38 2.72
C ALA A 121 39.60 6.19 2.16
N TYR A 122 39.46 6.16 0.83
CA TYR A 122 38.30 6.72 0.14
C TYR A 122 37.00 5.99 0.52
N LEU A 123 36.99 4.67 0.35
CA LEU A 123 35.82 3.84 0.70
C LEU A 123 35.38 4.00 2.16
N HIS A 124 36.33 4.04 3.08
CA HIS A 124 36.04 4.24 4.51
C HIS A 124 35.53 5.65 4.83
N SER A 125 36.01 6.67 4.11
CA SER A 125 35.46 8.04 4.23
C SER A 125 34.00 8.15 3.76
N GLN A 126 33.60 7.29 2.81
CA GLN A 126 32.19 7.14 2.38
C GLN A 126 31.34 6.17 3.24
N LYS A 127 31.83 5.76 4.43
CA LYS A 127 31.18 4.79 5.33
C LYS A 127 30.95 3.39 4.70
N LYS A 128 31.80 3.00 3.75
CA LYS A 128 31.75 1.67 3.09
C LYS A 128 32.86 0.77 3.63
N ILE A 129 32.69 -0.52 3.38
CA ILE A 129 33.68 -1.56 3.71
C ILE A 129 33.82 -2.41 2.45
N HIS A 130 35.05 -2.70 2.04
CA HIS A 130 35.30 -3.56 0.87
C HIS A 130 34.93 -5.01 1.15
N ARG A 131 35.32 -5.52 2.33
CA ARG A 131 35.00 -6.87 2.85
C ARG A 131 35.74 -8.06 2.21
N ASP A 132 36.57 -7.82 1.20
CA ASP A 132 37.17 -8.91 0.39
C ASP A 132 38.45 -8.50 -0.36
N ILE A 133 39.32 -7.78 0.35
CA ILE A 133 40.63 -7.38 -0.17
C ILE A 133 41.51 -8.62 -0.26
N LYS A 134 41.90 -8.93 -1.49
CA LYS A 134 42.79 -10.06 -1.78
C LYS A 134 43.38 -9.86 -3.16
N GLY A 135 44.44 -10.60 -3.44
CA GLY A 135 45.12 -10.57 -4.75
C GLY A 135 44.22 -10.69 -5.96
N ALA A 136 43.25 -11.60 -5.87
CA ALA A 136 42.27 -11.81 -6.95
C ALA A 136 41.29 -10.65 -7.21
N ASN A 137 41.11 -9.77 -6.23
CA ASN A 137 40.23 -8.59 -6.32
C ASN A 137 40.97 -7.23 -6.48
N ILE A 138 42.29 -7.27 -6.68
CA ILE A 138 43.08 -6.09 -6.99
C ILE A 138 43.46 -6.25 -8.46
N LEU A 139 42.91 -5.38 -9.31
CA LEU A 139 43.08 -5.43 -10.76
C LEU A 139 44.18 -4.48 -11.26
N ILE A 140 44.78 -4.88 -12.37
CA ILE A 140 45.92 -4.22 -12.97
C ILE A 140 45.55 -3.92 -14.43
N ASN A 141 45.65 -2.64 -14.82
CA ASN A 141 45.51 -2.27 -16.25
C ASN A 141 46.85 -2.34 -16.98
N ASP A 142 46.81 -2.18 -18.30
CA ASP A 142 48.01 -2.22 -19.16
C ASP A 142 49.05 -1.13 -18.85
N ALA A 143 48.60 -0.01 -18.30
CA ALA A 143 49.48 1.06 -17.81
C ALA A 143 50.21 0.79 -16.47
N GLY A 144 49.93 -0.36 -15.83
CA GLY A 144 50.53 -0.71 -14.55
C GLY A 144 49.88 -0.04 -13.35
N GLU A 145 48.62 0.40 -13.52
CA GLU A 145 47.86 1.06 -12.44
C GLU A 145 46.99 0.04 -11.72
N VAL A 146 46.65 0.36 -10.47
CA VAL A 146 46.03 -0.54 -9.51
C VAL A 146 44.59 -0.06 -9.27
N ARG A 147 43.63 -0.96 -9.47
CA ARG A 147 42.19 -0.70 -9.24
C ARG A 147 41.62 -1.78 -8.32
N LEU A 148 40.77 -1.39 -7.36
CA LEU A 148 39.95 -2.32 -6.59
C LEU A 148 38.65 -2.63 -7.33
N ALA A 149 38.38 -3.93 -7.52
CA ALA A 149 37.09 -4.43 -8.00
C ALA A 149 36.14 -4.50 -6.82
N ASP A 150 34.96 -3.89 -6.98
CA ASP A 150 33.96 -3.79 -5.91
C ASP A 150 32.77 -4.70 -6.21
N PHE A 151 32.64 -5.78 -5.41
CA PHE A 151 31.52 -6.74 -5.49
C PHE A 151 30.34 -6.43 -4.54
N GLY A 152 30.34 -5.26 -3.89
CA GLY A 152 29.29 -4.87 -2.94
C GLY A 152 27.86 -4.77 -3.46
N ILE A 153 27.71 -4.45 -4.76
CA ILE A 153 26.39 -4.41 -5.44
C ILE A 153 25.58 -5.71 -5.35
N SER A 154 26.25 -6.85 -5.49
CA SER A 154 25.59 -8.17 -5.39
C SER A 154 25.08 -8.55 -3.99
N ALA A 155 25.65 -7.95 -2.94
CA ALA A 155 25.20 -8.19 -1.55
C ALA A 155 23.75 -7.75 -1.27
N GLN A 156 23.34 -6.62 -1.85
CA GLN A 156 21.98 -6.03 -1.61
C GLN A 156 20.85 -6.53 -2.55
N ILE A 157 21.18 -7.30 -3.60
CA ILE A 157 20.21 -7.77 -4.61
C ILE A 157 20.57 -9.14 -5.20
N GLY A 158 19.57 -9.77 -5.80
CA GLY A 158 19.80 -10.87 -6.71
C GLY A 158 20.09 -12.22 -6.12
N ALA A 159 20.83 -13.03 -6.86
CA ALA A 159 21.10 -14.44 -6.50
C ALA A 159 22.05 -14.61 -5.32
N GLU A 160 23.06 -13.74 -5.20
CA GLU A 160 23.99 -13.74 -4.05
C GLU A 160 23.27 -13.46 -2.72
N LEU A 161 22.34 -12.52 -2.74
CA LEU A 161 21.47 -12.24 -1.60
C LEU A 161 20.52 -13.42 -1.30
N ALA A 162 19.89 -13.96 -2.34
CA ALA A 162 18.99 -15.13 -2.21
C ALA A 162 19.71 -16.36 -1.63
N ARG A 163 20.96 -16.57 -2.03
CA ARG A 163 21.82 -17.61 -1.45
C ARG A 163 22.20 -17.33 0.01
N ARG A 164 22.47 -16.06 0.36
CA ARG A 164 22.69 -15.66 1.76
C ARG A 164 21.48 -15.94 2.67
N LEU A 165 20.28 -15.66 2.17
CA LEU A 165 19.02 -15.92 2.90
C LEU A 165 18.74 -17.42 3.12
N GLU A 166 18.98 -18.24 2.09
CA GLU A 166 18.91 -19.71 2.16
C GLU A 166 19.83 -20.30 3.23
N PHE A 167 21.05 -19.77 3.33
CA PHE A 167 22.03 -20.21 4.34
C PHE A 167 21.66 -19.78 5.77
N ILE A 168 21.24 -18.53 5.92
CA ILE A 168 20.78 -17.98 7.22
C ILE A 168 19.50 -18.68 7.75
N GLY A 169 18.65 -19.17 6.85
CA GLY A 169 17.41 -19.87 7.22
C GLY A 169 16.32 -18.91 7.62
N THR A 170 15.21 -19.47 8.08
CA THR A 170 14.03 -18.70 8.44
C THR A 170 14.32 -17.70 9.58
N PRO A 171 13.96 -16.40 9.42
CA PRO A 171 14.32 -15.39 10.42
C PRO A 171 13.25 -15.06 11.45
N TYR A 172 12.07 -15.68 11.39
CA TYR A 172 10.90 -15.21 12.14
C TYR A 172 11.02 -15.39 13.67
N TRP A 173 11.78 -16.41 14.11
CA TRP A 173 12.05 -16.67 15.53
C TRP A 173 13.37 -16.03 16.03
N MET A 174 14.10 -15.39 15.12
CA MET A 174 15.44 -14.86 15.35
C MET A 174 15.30 -13.55 16.13
N ALA A 175 16.17 -13.35 17.12
CA ALA A 175 16.16 -12.12 17.94
C ALA A 175 16.83 -10.95 17.15
N PRO A 176 16.55 -9.67 17.52
CA PRO A 176 17.12 -8.52 16.80
C PRO A 176 18.65 -8.51 16.67
N GLU A 177 19.35 -8.77 17.78
CA GLU A 177 20.82 -8.91 17.80
C GLU A 177 21.38 -10.02 16.88
N VAL A 178 20.62 -11.09 16.72
CA VAL A 178 20.99 -12.21 15.83
C VAL A 178 20.76 -11.82 14.37
N ALA A 179 19.65 -11.15 14.09
CA ALA A 179 19.37 -10.57 12.76
C ALA A 179 20.39 -9.53 12.31
N ALA A 180 20.74 -8.62 13.22
CA ALA A 180 21.80 -7.62 13.03
C ALA A 180 23.10 -8.23 12.52
N VAL A 181 23.53 -9.27 13.22
CA VAL A 181 24.76 -10.01 12.87
C VAL A 181 24.60 -10.84 11.58
N ALA A 182 23.41 -11.39 11.31
CA ALA A 182 23.14 -12.11 10.05
C ALA A 182 23.31 -11.24 8.80
N LEU A 183 22.90 -9.97 8.88
CA LEU A 183 23.12 -9.00 7.79
C LEU A 183 24.56 -8.46 7.77
N LYS A 184 24.98 -7.87 8.89
CA LYS A 184 26.25 -7.15 8.99
C LYS A 184 27.44 -8.11 9.04
N GLY A 185 27.39 -9.05 9.97
CA GLY A 185 28.52 -9.93 10.31
C GLY A 185 29.48 -9.20 11.23
N GLY A 186 30.71 -9.72 11.31
CA GLY A 186 31.82 -9.05 12.02
C GLY A 186 32.58 -7.96 11.27
N TYR A 187 32.18 -7.69 10.02
CA TYR A 187 32.83 -6.71 9.17
C TYR A 187 32.63 -5.28 9.71
N ASN A 188 33.73 -4.65 10.10
CA ASN A 188 33.85 -3.20 10.28
C ASN A 188 34.88 -2.72 9.25
N GLU A 189 35.13 -1.41 9.21
CA GLU A 189 36.06 -0.83 8.22
C GLU A 189 37.52 -1.29 8.36
N LEU A 190 37.99 -1.44 9.60
CA LEU A 190 39.38 -1.84 9.88
C LEU A 190 39.73 -3.31 9.54
N CYS A 191 38.73 -4.16 9.26
CA CYS A 191 38.99 -5.51 8.72
C CYS A 191 39.66 -5.55 7.34
N ASP A 192 39.43 -4.51 6.54
CA ASP A 192 40.13 -4.33 5.24
C ASP A 192 41.64 -4.15 5.37
N ILE A 193 42.08 -3.56 6.49
CA ILE A 193 43.49 -3.34 6.78
C ILE A 193 44.17 -4.68 7.10
N TRP A 194 43.51 -5.53 7.91
CA TRP A 194 43.96 -6.91 8.15
C TRP A 194 44.15 -7.65 6.84
N SER A 195 43.09 -7.66 6.03
CA SER A 195 43.08 -8.34 4.73
C SER A 195 44.18 -7.88 3.76
N LEU A 196 44.51 -6.59 3.79
CA LEU A 196 45.64 -6.05 3.02
C LEU A 196 46.99 -6.61 3.50
N GLY A 197 47.17 -6.68 4.83
CA GLY A 197 48.32 -7.36 5.45
C GLY A 197 48.52 -8.78 4.94
N ILE A 198 47.43 -9.54 4.91
CA ILE A 198 47.42 -10.91 4.37
C ILE A 198 47.75 -10.90 2.88
N THR A 199 47.14 -9.97 2.15
CA THR A 199 47.39 -9.80 0.71
C THR A 199 48.87 -9.52 0.40
N ALA A 200 49.50 -8.65 1.20
CA ALA A 200 50.92 -8.37 1.03
C ALA A 200 51.81 -9.61 1.21
N ILE A 201 51.47 -10.47 2.18
CA ILE A 201 52.11 -11.77 2.34
C ILE A 201 51.83 -12.65 1.11
N GLU A 202 50.56 -12.68 0.67
CA GLU A 202 50.14 -13.44 -0.54
C GLU A 202 50.96 -13.10 -1.77
N LEU A 203 51.11 -11.79 -2.03
CA LEU A 203 51.93 -11.29 -3.15
C LEU A 203 53.41 -11.65 -2.96
N ALA A 204 53.89 -11.58 -1.72
CA ALA A 204 55.26 -11.99 -1.37
C ALA A 204 55.56 -13.48 -1.51
N GLU A 205 54.57 -14.35 -1.24
CA GLU A 205 54.78 -15.79 -1.11
C GLU A 205 53.92 -16.72 -1.99
N LEU A 206 53.06 -16.15 -2.85
CA LEU A 206 52.10 -16.89 -3.72
C LEU A 206 50.91 -17.60 -3.03
N GLN A 207 50.75 -17.42 -1.73
CA GLN A 207 49.63 -17.99 -0.94
C GLN A 207 49.42 -17.10 0.28
N PRO A 208 48.16 -17.00 0.81
CA PRO A 208 48.04 -16.40 2.16
C PRO A 208 48.59 -17.39 3.22
N PRO A 209 48.86 -16.92 4.47
CA PRO A 209 49.23 -17.85 5.56
C PRO A 209 48.16 -18.90 5.81
N LEU A 210 48.60 -20.11 6.17
CA LEU A 210 47.72 -21.24 6.45
C LEU A 210 46.86 -21.73 5.25
N PHE A 211 47.30 -21.48 4.01
N PHE A 211 47.31 -21.47 4.01
CA PHE A 211 46.54 -21.87 2.79
CA PHE A 211 46.57 -21.87 2.79
C PHE A 211 46.36 -23.37 2.62
C PHE A 211 46.36 -23.37 2.62
N ASP A 212 47.30 -24.17 3.14
CA ASP A 212 47.23 -25.65 3.13
C ASP A 212 46.52 -26.26 4.35
N VAL A 213 46.16 -25.43 5.34
CA VAL A 213 45.44 -25.83 6.55
C VAL A 213 43.93 -25.70 6.27
N HIS A 214 43.16 -26.62 6.87
CA HIS A 214 41.70 -26.71 6.70
C HIS A 214 41.00 -25.45 7.25
N PRO A 215 40.02 -24.87 6.50
CA PRO A 215 39.43 -23.57 6.85
C PRO A 215 38.80 -23.42 8.25
N LEU A 216 38.05 -24.43 8.68
CA LEU A 216 37.52 -24.54 10.07
C LEU A 216 38.61 -24.48 11.15
N ARG A 217 39.69 -25.23 10.93
CA ARG A 217 40.87 -25.20 11.81
C ARG A 217 41.49 -23.79 11.90
N VAL A 218 41.59 -23.13 10.75
CA VAL A 218 42.12 -21.76 10.68
C VAL A 218 41.19 -20.79 11.45
N LEU A 219 39.88 -20.93 11.22
CA LEU A 219 38.85 -20.13 11.92
C LEU A 219 38.86 -20.31 13.44
N PHE A 220 39.02 -21.55 13.89
CA PHE A 220 39.17 -21.86 15.33
C PHE A 220 40.43 -21.22 15.93
N LEU A 221 41.57 -21.36 15.25
CA LEU A 221 42.85 -20.81 15.71
C LEU A 221 42.83 -19.29 15.82
N MET A 222 42.27 -18.61 14.81
CA MET A 222 42.04 -17.15 14.80
C MET A 222 41.22 -16.61 15.97
N THR A 223 40.26 -17.39 16.44
CA THR A 223 39.36 -17.03 17.55
C THR A 223 39.87 -17.35 18.97
N LYS A 224 41.04 -18.02 19.09
CA LYS A 224 41.64 -18.30 20.41
C LYS A 224 42.24 -17.03 21.02
N SER A 225 42.45 -17.10 22.34
CA SER A 225 42.94 -15.95 23.13
C SER A 225 44.37 -15.57 22.75
N GLY A 226 45.26 -16.58 22.74
CA GLY A 226 46.67 -16.40 22.37
C GLY A 226 47.02 -16.57 20.91
N TYR A 227 46.10 -16.27 19.99
CA TYR A 227 46.36 -16.35 18.55
C TYR A 227 47.46 -15.36 18.16
N GLN A 228 48.46 -15.87 17.45
CA GLN A 228 49.57 -15.10 16.95
C GLN A 228 49.26 -14.75 15.49
N PRO A 229 49.20 -13.44 15.15
CA PRO A 229 49.06 -13.06 13.75
C PRO A 229 50.19 -13.60 12.87
N PRO A 230 49.89 -13.95 11.59
CA PRO A 230 50.94 -14.49 10.73
C PRO A 230 52.04 -13.50 10.36
N ARG A 231 53.12 -14.04 9.81
CA ARG A 231 54.33 -13.29 9.47
C ARG A 231 54.83 -13.75 8.12
N LEU A 232 55.73 -12.94 7.55
CA LEU A 232 56.53 -13.34 6.39
C LEU A 232 57.44 -14.52 6.79
N LYS A 233 57.57 -15.50 5.90
CA LYS A 233 58.27 -16.75 6.18
C LYS A 233 59.77 -16.52 6.30
N GLU A 234 60.36 -15.97 5.24
CA GLU A 234 61.80 -15.68 5.17
C GLU A 234 62.05 -14.28 5.74
N LYS A 235 62.88 -14.15 6.77
CA LYS A 235 63.11 -12.83 7.41
C LYS A 235 64.08 -11.95 6.61
N GLY A 236 65.22 -12.55 6.22
CA GLY A 236 66.27 -11.86 5.45
C GLY A 236 65.91 -11.34 4.05
N LYS A 237 64.90 -11.95 3.42
CA LYS A 237 64.39 -11.51 2.10
C LYS A 237 63.77 -10.10 2.09
N TRP A 238 63.18 -9.69 3.21
CA TRP A 238 62.35 -8.49 3.32
C TRP A 238 62.92 -7.53 4.36
N SER A 239 62.75 -6.23 4.12
CA SER A 239 63.28 -5.18 5.03
C SER A 239 62.45 -5.08 6.31
N ALA A 240 63.04 -4.44 7.33
CA ALA A 240 62.39 -4.16 8.61
C ALA A 240 61.07 -3.39 8.47
N ALA A 241 61.02 -2.44 7.53
CA ALA A 241 59.82 -1.67 7.21
C ALA A 241 58.67 -2.54 6.68
N PHE A 242 58.98 -3.50 5.81
CA PHE A 242 57.99 -4.46 5.33
C PHE A 242 57.50 -5.40 6.47
N HIS A 243 58.41 -5.92 7.28
CA HIS A 243 58.03 -6.70 8.48
C HIS A 243 57.12 -5.89 9.42
N ASN A 244 57.46 -4.62 9.67
CA ASN A 244 56.63 -3.73 10.50
C ASN A 244 55.25 -3.45 9.87
N PHE A 245 55.20 -3.27 8.55
CA PHE A 245 53.93 -3.10 7.82
C PHE A 245 52.97 -4.26 8.10
N ILE A 246 53.50 -5.48 7.98
CA ILE A 246 52.77 -6.71 8.32
C ILE A 246 52.36 -6.76 9.80
N LYS A 247 53.26 -6.34 10.69
CA LYS A 247 52.98 -6.34 12.14
C LYS A 247 51.82 -5.42 12.52
N VAL A 248 51.84 -4.18 12.03
CA VAL A 248 50.79 -3.19 12.36
C VAL A 248 49.47 -3.46 11.65
N THR A 249 49.51 -3.86 10.37
CA THR A 249 48.29 -4.26 9.63
C THR A 249 47.58 -5.45 10.25
N LEU A 250 48.37 -6.41 10.74
CA LEU A 250 47.84 -7.60 11.42
C LEU A 250 47.80 -7.45 12.96
N THR A 251 47.32 -6.30 13.43
CA THR A 251 46.98 -6.09 14.85
C THR A 251 45.66 -6.83 15.08
N LYS A 252 45.63 -7.70 16.09
CA LYS A 252 44.49 -8.57 16.36
C LYS A 252 43.26 -7.79 16.82
N SER A 253 43.46 -6.90 17.80
CA SER A 253 42.39 -6.02 18.31
C SER A 253 42.04 -4.95 17.26
N PRO A 254 40.75 -4.85 16.84
CA PRO A 254 40.32 -3.75 15.93
C PRO A 254 40.49 -2.33 16.49
N LYS A 255 40.36 -2.16 17.81
CA LYS A 255 40.55 -0.87 18.47
C LYS A 255 41.99 -0.32 18.33
N LYS A 256 42.98 -1.20 18.46
CA LYS A 256 44.40 -0.85 18.31
C LYS A 256 44.95 -0.85 16.86
N ARG A 257 44.19 -1.41 15.93
CA ARG A 257 44.63 -1.57 14.54
C ARG A 257 44.50 -0.23 13.77
N PRO A 258 45.57 0.18 13.04
CA PRO A 258 45.58 1.49 12.38
C PRO A 258 44.67 1.57 11.15
N SER A 259 44.09 2.75 10.95
CA SER A 259 43.24 3.05 9.80
C SER A 259 44.01 3.11 8.48
N ALA A 260 43.26 3.21 7.38
CA ALA A 260 43.85 3.38 6.04
C ALA A 260 44.67 4.69 5.93
N THR A 261 44.13 5.79 6.48
CA THR A 261 44.84 7.08 6.56
C THR A 261 46.16 6.98 7.32
N LYS A 262 46.11 6.37 8.50
CA LYS A 262 47.30 6.06 9.33
C LYS A 262 48.34 5.25 8.56
N MET A 263 47.89 4.19 7.90
CA MET A 263 48.78 3.33 7.13
C MET A 263 49.44 4.02 5.93
N LEU A 264 48.79 5.02 5.32
CA LEU A 264 49.41 5.79 4.23
C LEU A 264 50.64 6.64 4.63
N SER A 265 50.76 6.98 5.93
CA SER A 265 51.95 7.61 6.49
C SER A 265 53.06 6.63 6.97
N HIS A 266 52.88 5.33 6.72
CA HIS A 266 53.86 4.30 7.06
C HIS A 266 55.00 4.33 6.03
N GLN A 267 56.22 4.08 6.52
CA GLN A 267 57.49 4.14 5.75
C GLN A 267 57.44 3.38 4.43
N LEU A 268 57.03 2.12 4.51
CA LEU A 268 56.88 1.23 3.32
C LEU A 268 56.13 1.87 2.15
N VAL A 269 54.97 2.46 2.43
CA VAL A 269 54.09 3.06 1.38
C VAL A 269 54.29 4.56 1.14
N SER A 270 54.96 5.25 2.06
CA SER A 270 55.30 6.68 1.91
C SER A 270 56.70 6.95 1.28
N GLN A 271 57.46 5.89 0.94
CA GLN A 271 58.80 6.04 0.36
C GLN A 271 58.73 6.59 -1.07
N PRO A 272 59.79 7.30 -1.53
CA PRO A 272 59.82 7.73 -2.94
C PRO A 272 60.13 6.57 -3.90
N GLY A 273 59.93 6.82 -5.18
CA GLY A 273 60.13 5.81 -6.22
C GLY A 273 59.08 4.72 -6.35
N LEU A 274 57.93 4.87 -5.69
CA LEU A 274 56.79 3.99 -5.87
C LEU A 274 55.91 4.59 -6.95
N ASN A 275 55.92 3.98 -8.13
CA ASN A 275 55.09 4.37 -9.26
C ASN A 275 54.79 3.15 -10.15
N ARG A 276 53.92 3.37 -11.13
CA ARG A 276 53.45 2.33 -12.06
C ARG A 276 54.51 1.60 -12.89
N GLY A 277 55.68 2.23 -13.09
CA GLY A 277 56.83 1.60 -13.74
C GLY A 277 57.22 0.25 -13.18
N LEU A 278 57.15 0.14 -11.85
CA LEU A 278 57.39 -1.11 -11.12
C LEU A 278 56.48 -2.25 -11.59
N ILE A 279 55.21 -1.93 -11.84
CA ILE A 279 54.22 -2.90 -12.38
C ILE A 279 54.37 -3.13 -13.88
N LEU A 280 54.80 -2.11 -14.63
CA LEU A 280 55.19 -2.29 -16.04
C LEU A 280 56.35 -3.29 -16.21
N ASP A 281 57.30 -3.32 -15.27
CA ASP A 281 58.33 -4.40 -15.21
C ASP A 281 57.74 -5.79 -14.98
N LEU A 282 56.76 -5.87 -14.06
CA LEU A 282 56.03 -7.11 -13.81
C LEU A 282 55.27 -7.64 -15.02
N LEU A 283 54.56 -6.74 -15.71
CA LEU A 283 53.85 -7.09 -16.96
C LEU A 283 54.80 -7.47 -18.11
N ASP A 284 56.02 -6.90 -18.12
CA ASP A 284 57.06 -7.29 -19.07
C ASP A 284 57.61 -8.69 -18.76
N LYS A 285 57.81 -8.98 -17.48
CA LYS A 285 58.16 -10.35 -17.01
C LYS A 285 57.09 -11.38 -17.42
N LEU A 286 55.82 -11.01 -17.28
CA LEU A 286 54.69 -11.83 -17.73
C LEU A 286 54.70 -12.13 -19.24
N LYS A 287 55.02 -11.12 -20.05
CA LYS A 287 55.03 -11.25 -21.53
C LYS A 287 56.29 -11.95 -22.06
N ASN A 288 57.46 -11.54 -21.55
CA ASN A 288 58.77 -12.07 -21.92
C ASN A 288 59.42 -12.73 -20.66
N PRO A 289 59.16 -14.05 -20.43
CA PRO A 289 59.84 -14.76 -19.34
C PRO A 289 61.33 -15.01 -19.61
N ILE B 3 32.04 -43.05 21.87
CA ILE B 3 31.58 -43.42 20.50
C ILE B 3 31.93 -44.89 20.28
N PHE B 4 30.91 -45.76 20.23
CA PHE B 4 31.10 -47.19 19.99
C PHE B 4 31.40 -47.44 18.51
N ASN B 5 32.55 -48.07 18.23
CA ASN B 5 32.83 -48.61 16.88
C ASN B 5 32.06 -49.90 16.44
N ARG B 6 31.03 -50.36 17.17
CA ARG B 6 30.15 -51.46 16.75
C ARG B 6 29.20 -50.97 15.65
N ASP B 7 28.63 -51.92 14.92
CA ASP B 7 27.48 -51.69 14.01
C ASP B 7 26.24 -51.37 14.89
N PRO B 8 25.53 -50.24 14.64
CA PRO B 8 24.24 -50.03 15.35
C PRO B 8 23.08 -50.92 14.87
N ARG B 9 23.20 -51.58 13.70
CA ARG B 9 22.30 -52.68 13.29
C ARG B 9 22.25 -53.86 14.26
N ASP B 10 23.38 -54.14 14.94
CA ASP B 10 23.48 -55.16 15.99
C ASP B 10 22.68 -54.76 17.25
N HIS B 11 22.64 -53.46 17.56
CA HIS B 11 21.87 -52.91 18.71
C HIS B 11 20.38 -52.61 18.35
N TYR B 12 20.12 -52.13 17.12
CA TYR B 12 18.79 -51.60 16.71
C TYR B 12 18.34 -52.06 15.31
N ASP B 13 17.02 -52.17 15.10
CA ASP B 13 16.44 -52.34 13.76
C ASP B 13 15.72 -51.04 13.39
N LEU B 14 16.07 -50.46 12.23
CA LEU B 14 15.47 -49.21 11.76
C LEU B 14 14.08 -49.48 11.18
N LEU B 15 13.06 -48.85 11.77
CA LEU B 15 11.65 -49.09 11.41
C LEU B 15 11.18 -48.12 10.32
N GLN B 16 11.22 -46.82 10.64
CA GLN B 16 10.49 -45.77 9.90
C GLN B 16 11.25 -44.44 9.92
N ARG B 17 11.39 -43.80 8.76
CA ARG B 17 11.99 -42.47 8.65
C ARG B 17 10.99 -41.43 9.20
N LEU B 18 11.44 -40.66 10.21
CA LEU B 18 10.63 -39.60 10.83
C LEU B 18 10.75 -38.25 10.12
N GLY B 19 11.97 -37.94 9.66
CA GLY B 19 12.22 -36.72 8.89
C GLY B 19 13.68 -36.57 8.52
N GLY B 20 14.00 -35.45 7.87
CA GLY B 20 15.35 -35.21 7.36
C GLY B 20 15.67 -33.77 7.00
N GLY B 21 16.94 -33.54 6.69
CA GLY B 21 17.44 -32.22 6.30
C GLY B 21 18.96 -32.15 6.20
N THR B 22 19.50 -30.95 6.37
CA THR B 22 20.96 -30.73 6.38
C THR B 22 21.59 -31.30 7.67
N TYR B 23 20.93 -31.06 8.81
CA TYR B 23 21.22 -31.69 10.12
C TYR B 23 21.39 -33.21 10.09
N GLY B 24 20.58 -33.89 9.27
CA GLY B 24 20.69 -35.33 9.01
C GLY B 24 19.35 -36.00 8.78
N GLU B 25 19.39 -37.34 8.67
CA GLU B 25 18.17 -38.18 8.64
C GLU B 25 17.92 -38.74 10.04
N VAL B 26 16.65 -38.84 10.44
CA VAL B 26 16.25 -39.32 11.77
C VAL B 26 15.20 -40.42 11.60
N PHE B 27 15.48 -41.60 12.17
CA PHE B 27 14.60 -42.78 12.07
C PHE B 27 14.04 -43.19 13.44
N LYS B 28 12.83 -43.74 13.43
CA LYS B 28 12.28 -44.54 14.53
C LYS B 28 12.95 -45.91 14.48
N ALA B 29 13.48 -46.39 15.61
CA ALA B 29 14.19 -47.68 15.69
C ALA B 29 13.87 -48.45 16.97
N ARG B 30 13.81 -49.78 16.86
CA ARG B 30 13.48 -50.69 17.97
C ARG B 30 14.75 -51.40 18.47
N ASP B 31 14.90 -51.52 19.80
CA ASP B 31 15.99 -52.28 20.42
C ASP B 31 15.75 -53.79 20.21
N LYS B 32 16.82 -54.52 19.85
CA LYS B 32 16.74 -55.94 19.52
C LYS B 32 16.39 -56.85 20.71
N VAL B 33 16.99 -56.57 21.87
CA VAL B 33 16.78 -57.34 23.10
C VAL B 33 15.57 -56.76 23.88
N SER B 34 15.75 -55.52 24.35
CA SER B 34 14.78 -54.88 25.27
C SER B 34 13.42 -54.49 24.64
N GLY B 35 13.37 -54.35 23.31
CA GLY B 35 12.16 -53.88 22.61
C GLY B 35 11.82 -52.38 22.73
N ASP B 36 12.70 -51.60 23.35
CA ASP B 36 12.49 -50.16 23.56
C ASP B 36 12.61 -49.42 22.23
N LEU B 37 11.73 -48.43 22.03
CA LEU B 37 11.76 -47.57 20.84
C LEU B 37 12.73 -46.42 21.10
N VAL B 38 13.54 -46.08 20.09
CA VAL B 38 14.48 -44.93 20.13
C VAL B 38 14.44 -44.12 18.83
N ALA B 39 15.01 -42.92 18.88
CA ALA B 39 15.23 -42.06 17.72
C ALA B 39 16.71 -42.16 17.35
N LEU B 40 17.00 -42.59 16.13
CA LEU B 40 18.37 -42.70 15.60
C LEU B 40 18.61 -41.64 14.54
N LYS B 41 19.46 -40.65 14.87
CA LYS B 41 19.85 -39.58 13.95
C LYS B 41 21.11 -39.96 13.17
N MET B 42 20.95 -40.30 11.90
CA MET B 42 22.06 -40.56 10.97
C MET B 42 22.65 -39.23 10.48
N VAL B 43 23.97 -39.11 10.58
CA VAL B 43 24.73 -37.95 10.08
C VAL B 43 25.86 -38.47 9.19
N LYS B 44 25.85 -38.07 7.92
CA LYS B 44 26.85 -38.50 6.93
C LYS B 44 28.19 -37.81 7.19
N MET B 45 29.28 -38.58 7.18
CA MET B 45 30.63 -38.11 7.53
C MET B 45 31.43 -37.72 6.29
N GLU B 46 31.81 -36.45 6.21
CA GLU B 46 32.72 -35.96 5.18
C GLU B 46 34.16 -36.38 5.52
N PRO B 47 35.01 -36.62 4.49
CA PRO B 47 36.39 -37.15 4.71
C PRO B 47 37.33 -36.32 5.62
N ASP B 48 37.22 -34.99 5.58
CA ASP B 48 38.07 -34.09 6.40
C ASP B 48 37.33 -33.58 7.65
N ASP B 49 36.89 -34.54 8.49
CA ASP B 49 36.21 -34.27 9.75
C ASP B 49 37.13 -34.78 10.88
N ASP B 50 37.38 -33.92 11.86
CA ASP B 50 38.28 -34.25 12.99
C ASP B 50 37.53 -35.20 13.94
N VAL B 51 38.00 -36.44 14.05
CA VAL B 51 37.43 -37.44 14.99
C VAL B 51 37.60 -37.06 16.46
N SER B 52 38.72 -36.40 16.79
CA SER B 52 38.98 -35.89 18.15
C SER B 52 37.96 -34.84 18.64
N THR B 53 37.57 -33.93 17.74
CA THR B 53 36.56 -32.89 18.05
C THR B 53 35.15 -33.51 18.19
N LEU B 54 34.84 -34.46 17.30
CA LEU B 54 33.62 -35.30 17.39
C LEU B 54 33.49 -36.03 18.73
N GLN B 55 34.60 -36.60 19.22
CA GLN B 55 34.66 -37.22 20.56
C GLN B 55 34.39 -36.22 21.70
N LYS B 56 35.02 -35.05 21.61
CA LYS B 56 34.78 -33.95 22.57
C LYS B 56 33.35 -33.40 22.55
N GLU B 57 32.74 -33.34 21.35
CA GLU B 57 31.32 -32.93 21.20
C GLU B 57 30.31 -33.95 21.77
N ILE B 58 30.58 -35.24 21.56
CA ILE B 58 29.73 -36.33 22.05
C ILE B 58 29.84 -36.49 23.58
N LEU B 59 31.03 -36.24 24.15
CA LEU B 59 31.20 -36.15 25.62
C LEU B 59 30.34 -35.03 26.25
N ILE B 60 30.24 -33.90 25.56
CA ILE B 60 29.34 -32.79 25.96
C ILE B 60 27.85 -33.20 25.86
N LEU B 61 27.49 -33.93 24.80
CA LEU B 61 26.14 -34.50 24.65
C LEU B 61 25.80 -35.58 25.70
N LYS B 62 26.80 -36.41 26.05
CA LYS B 62 26.65 -37.44 27.07
C LYS B 62 26.42 -36.86 28.46
N THR B 63 27.26 -35.90 28.83
CA THR B 63 27.17 -35.22 30.12
C THR B 63 25.94 -34.31 30.32
N CYS B 64 25.40 -33.75 29.22
CA CYS B 64 24.26 -32.82 29.31
C CYS B 64 22.92 -33.56 29.53
N ARG B 65 22.65 -33.92 30.80
CA ARG B 65 21.46 -34.68 31.22
C ARG B 65 20.46 -33.79 31.94
N HIS B 66 19.23 -33.74 31.43
CA HIS B 66 18.11 -33.01 32.09
C HIS B 66 16.77 -33.54 31.59
N ALA B 67 15.74 -33.49 32.44
CA ALA B 67 14.39 -34.04 32.11
C ALA B 67 13.79 -33.46 30.83
N ASN B 68 13.82 -32.13 30.72
CA ASN B 68 13.34 -31.39 29.52
C ASN B 68 14.24 -31.33 28.27
N ILE B 69 15.41 -31.98 28.31
CA ILE B 69 16.27 -32.19 27.14
C ILE B 69 16.17 -33.66 26.74
N VAL B 70 16.14 -33.92 25.43
CA VAL B 70 16.09 -35.28 24.88
C VAL B 70 17.32 -36.06 25.37
N ALA B 71 17.06 -37.26 25.92
CA ALA B 71 18.10 -38.08 26.52
C ALA B 71 19.00 -38.70 25.45
N TYR B 72 20.30 -38.70 25.72
CA TYR B 72 21.32 -39.34 24.89
C TYR B 72 21.54 -40.76 25.43
N HIS B 73 21.39 -41.77 24.56
CA HIS B 73 21.63 -43.18 24.92
C HIS B 73 23.03 -43.65 24.52
N GLY B 74 23.39 -43.40 23.27
CA GLY B 74 24.74 -43.68 22.79
C GLY B 74 25.03 -43.15 21.39
N SER B 75 26.22 -43.48 20.91
CA SER B 75 26.71 -43.14 19.56
C SER B 75 27.34 -44.35 18.91
N TYR B 76 27.17 -44.45 17.59
CA TYR B 76 27.75 -45.53 16.75
C TYR B 76 28.32 -44.94 15.48
N LEU B 77 29.58 -45.26 15.17
CA LEU B 77 30.26 -44.88 13.94
C LEU B 77 30.45 -46.15 13.10
N TRP B 78 29.80 -46.17 11.93
CA TRP B 78 29.84 -47.30 11.02
C TRP B 78 29.64 -46.88 9.55
N LEU B 79 30.65 -47.16 8.73
CA LEU B 79 30.62 -46.93 7.26
C LEU B 79 30.48 -45.44 6.87
N GLN B 80 31.32 -44.61 7.49
CA GLN B 80 31.31 -43.14 7.34
C GLN B 80 29.92 -42.48 7.56
N LYS B 81 29.23 -42.99 8.58
CA LYS B 81 27.93 -42.47 9.02
C LYS B 81 27.93 -42.49 10.55
N LEU B 82 27.83 -41.31 11.15
CA LEU B 82 27.62 -41.17 12.60
C LEU B 82 26.14 -41.37 12.90
N TRP B 83 25.84 -42.30 13.80
CA TRP B 83 24.48 -42.50 14.33
C TRP B 83 24.44 -42.04 15.78
N ILE B 84 23.42 -41.24 16.13
CA ILE B 84 23.24 -40.73 17.50
C ILE B 84 21.90 -41.28 17.99
N CYS B 85 21.97 -42.21 18.95
CA CYS B 85 20.80 -42.84 19.53
C CYS B 85 20.24 -41.96 20.65
N MET B 86 18.95 -41.63 20.56
CA MET B 86 18.28 -40.71 21.49
C MET B 86 16.91 -41.20 21.92
N GLU B 87 16.39 -40.56 22.97
CA GLU B 87 15.01 -40.72 23.44
C GLU B 87 14.00 -40.45 22.32
N PHE B 88 13.02 -41.34 22.19
CA PHE B 88 11.91 -41.21 21.25
C PHE B 88 10.80 -40.37 21.87
N CYS B 89 10.24 -39.44 21.10
CA CYS B 89 9.08 -38.64 21.48
C CYS B 89 7.94 -38.93 20.49
N GLY B 90 7.03 -39.83 20.90
CA GLY B 90 6.04 -40.44 20.02
C GLY B 90 4.94 -39.57 19.43
N ALA B 91 4.71 -38.37 19.97
CA ALA B 91 3.74 -37.41 19.40
C ALA B 91 4.36 -36.36 18.43
N GLY B 92 5.66 -36.44 18.16
CA GLY B 92 6.34 -35.50 17.26
C GLY B 92 6.49 -34.13 17.86
N SER B 93 6.59 -33.11 17.00
CA SER B 93 6.75 -31.72 17.44
C SER B 93 5.39 -31.09 17.73
N LEU B 94 5.44 -29.97 18.45
CA LEU B 94 4.25 -29.12 18.64
C LEU B 94 3.69 -28.56 17.33
N GLN B 95 4.55 -28.31 16.34
CA GLN B 95 4.12 -27.93 14.97
C GLN B 95 3.24 -29.01 14.35
N ASP B 96 3.73 -30.24 14.36
CA ASP B 96 2.94 -31.41 13.86
C ASP B 96 1.57 -31.52 14.52
N ILE B 97 1.53 -31.21 15.82
CA ILE B 97 0.32 -31.25 16.63
C ILE B 97 -0.65 -30.09 16.27
N TYR B 98 -0.19 -28.84 16.37
CA TYR B 98 -1.08 -27.67 16.16
C TYR B 98 -1.66 -27.56 14.74
N GLN B 99 -0.93 -28.06 13.76
CA GLN B 99 -1.41 -28.20 12.36
C GLN B 99 -2.65 -29.08 12.19
N VAL B 100 -2.87 -30.01 13.12
CA VAL B 100 -4.09 -30.85 13.20
C VAL B 100 -5.08 -30.27 14.24
N THR B 101 -4.60 -30.00 15.45
CA THR B 101 -5.48 -29.59 16.57
C THR B 101 -5.97 -28.13 16.51
N GLY B 102 -5.25 -27.27 15.79
CA GLY B 102 -5.45 -25.83 15.88
C GLY B 102 -4.70 -25.28 17.09
N SER B 103 -5.04 -24.06 17.47
CA SER B 103 -4.28 -23.31 18.46
C SER B 103 -4.34 -23.94 19.83
N LEU B 104 -3.22 -23.88 20.55
CA LEU B 104 -3.16 -24.33 21.93
C LEU B 104 -3.87 -23.31 22.82
N SER B 105 -4.43 -23.79 23.93
CA SER B 105 -5.00 -22.94 24.95
C SER B 105 -3.87 -22.25 25.72
N GLU B 106 -4.23 -21.21 26.46
CA GLU B 106 -3.24 -20.44 27.24
C GLU B 106 -2.52 -21.32 28.29
N LEU B 107 -3.27 -22.15 29.00
CA LEU B 107 -2.70 -23.05 30.02
C LEU B 107 -1.75 -24.09 29.41
N GLN B 108 -2.12 -24.64 28.24
CA GLN B 108 -1.23 -25.53 27.46
C GLN B 108 0.09 -24.85 27.06
N ILE B 109 -0.02 -23.61 26.55
CA ILE B 109 1.15 -22.81 26.20
C ILE B 109 1.99 -22.50 27.44
N SER B 110 1.34 -22.16 28.54
CA SER B 110 1.99 -21.89 29.81
C SER B 110 2.80 -23.08 30.33
N TYR B 111 2.23 -24.28 30.22
CA TYR B 111 2.93 -25.53 30.56
C TYR B 111 4.15 -25.75 29.64
N VAL B 112 3.93 -25.66 28.33
CA VAL B 112 5.04 -25.78 27.35
C VAL B 112 6.18 -24.80 27.67
N CYS B 113 5.83 -23.54 27.88
CA CYS B 113 6.81 -22.49 28.19
C CYS B 113 7.61 -22.77 29.48
N ARG B 114 6.94 -23.25 30.53
CA ARG B 114 7.61 -23.65 31.78
C ARG B 114 8.66 -24.73 31.52
N GLU B 115 8.28 -25.76 30.76
CA GLU B 115 9.18 -26.88 30.47
C GLU B 115 10.35 -26.51 29.56
N VAL B 116 10.10 -25.64 28.57
CA VAL B 116 11.18 -25.10 27.71
C VAL B 116 12.16 -24.26 28.53
N LEU B 117 11.62 -23.37 29.38
CA LEU B 117 12.45 -22.54 30.26
C LEU B 117 13.31 -23.34 31.26
N GLN B 118 12.72 -24.41 31.79
CA GLN B 118 13.47 -25.40 32.60
C GLN B 118 14.62 -26.03 31.80
N GLY B 119 14.34 -26.43 30.56
CA GLY B 119 15.35 -26.86 29.61
C GLY B 119 16.41 -25.81 29.31
N LEU B 120 15.98 -24.57 29.04
CA LEU B 120 16.90 -23.46 28.67
C LEU B 120 17.77 -23.00 29.84
N ALA B 121 17.18 -22.90 31.03
CA ALA B 121 17.95 -22.56 32.26
C ALA B 121 19.08 -23.54 32.55
N TYR B 122 18.82 -24.82 32.28
CA TYR B 122 19.85 -25.86 32.32
C TYR B 122 20.92 -25.66 31.26
N LEU B 123 20.52 -25.52 30.00
CA LEU B 123 21.46 -25.28 28.88
C LEU B 123 22.34 -24.04 29.09
N HIS B 124 21.75 -22.95 29.56
CA HIS B 124 22.49 -21.71 29.83
C HIS B 124 23.45 -21.84 31.03
N SER B 125 23.08 -22.62 32.05
CA SER B 125 24.00 -22.96 33.16
C SER B 125 25.23 -23.78 32.72
N GLN B 126 25.07 -24.58 31.66
CA GLN B 126 26.18 -25.29 30.98
C GLN B 126 26.93 -24.45 29.91
N LYS B 127 26.72 -23.12 29.87
CA LYS B 127 27.29 -22.21 28.87
C LYS B 127 26.95 -22.53 27.39
N LYS B 128 25.77 -23.14 27.18
CA LYS B 128 25.27 -23.47 25.83
C LYS B 128 24.18 -22.50 25.40
N ILE B 129 23.91 -22.50 24.10
CA ILE B 129 22.80 -21.75 23.48
C ILE B 129 22.11 -22.76 22.55
N HIS B 130 20.78 -22.82 22.63
CA HIS B 130 20.00 -23.68 21.74
C HIS B 130 20.00 -23.19 20.29
N ARG B 131 19.84 -21.87 20.12
CA ARG B 131 19.90 -21.15 18.81
C ARG B 131 18.69 -21.32 17.87
N ASP B 132 17.70 -22.14 18.25
CA ASP B 132 16.64 -22.56 17.32
C ASP B 132 15.34 -23.00 18.02
N ILE B 133 14.93 -22.24 19.04
CA ILE B 133 13.69 -22.49 19.76
C ILE B 133 12.51 -22.13 18.85
N LYS B 134 11.74 -23.15 18.51
CA LYS B 134 10.48 -22.99 17.79
C LYS B 134 9.63 -24.23 17.96
N GLY B 135 8.34 -24.11 17.64
CA GLY B 135 7.38 -25.20 17.73
C GLY B 135 7.82 -26.52 17.13
N ALA B 136 8.46 -26.47 15.95
CA ALA B 136 8.99 -27.69 15.29
C ALA B 136 10.14 -28.42 16.03
N ASN B 137 10.83 -27.71 16.93
CA ASN B 137 11.93 -28.28 17.73
C ASN B 137 11.58 -28.55 19.21
N ILE B 138 10.32 -28.35 19.60
CA ILE B 138 9.80 -28.70 20.92
C ILE B 138 9.00 -29.98 20.72
N LEU B 139 9.52 -31.10 21.23
CA LEU B 139 8.95 -32.43 21.03
C LEU B 139 8.10 -32.90 22.20
N ILE B 140 7.12 -33.76 21.89
CA ILE B 140 6.11 -34.22 22.83
C ILE B 140 6.12 -35.75 22.78
N ASN B 141 6.32 -36.38 23.94
CA ASN B 141 6.19 -37.87 24.07
C ASN B 141 4.74 -38.26 24.37
N ASP B 142 4.46 -39.56 24.35
CA ASP B 142 3.11 -40.10 24.62
C ASP B 142 2.56 -39.80 26.03
N ALA B 143 3.47 -39.58 26.99
CA ALA B 143 3.10 -39.12 28.35
C ALA B 143 2.71 -37.63 28.47
N GLY B 144 2.80 -36.86 27.37
CA GLY B 144 2.51 -35.42 27.38
C GLY B 144 3.62 -34.56 27.96
N GLU B 145 4.86 -35.09 27.93
CA GLU B 145 6.03 -34.39 28.47
C GLU B 145 6.77 -33.71 27.33
N VAL B 146 7.50 -32.65 27.69
CA VAL B 146 8.06 -31.69 26.73
C VAL B 146 9.58 -31.84 26.73
N ARG B 147 10.13 -32.10 25.54
CA ARG B 147 11.57 -32.31 25.34
C ARG B 147 12.08 -31.38 24.24
N LEU B 148 13.25 -30.76 24.48
CA LEU B 148 13.93 -29.93 23.47
C LEU B 148 14.84 -30.83 22.63
N ALA B 149 14.68 -30.77 21.31
CA ALA B 149 15.56 -31.42 20.34
C ALA B 149 16.74 -30.50 20.09
N ASP B 150 17.96 -31.03 20.24
CA ASP B 150 19.21 -30.29 20.00
C ASP B 150 19.86 -30.77 18.69
N PHE B 151 19.82 -29.91 17.67
CA PHE B 151 20.51 -30.13 16.38
C PHE B 151 21.91 -29.51 16.29
N GLY B 152 22.41 -28.90 17.38
CA GLY B 152 23.74 -28.27 17.42
C GLY B 152 24.95 -29.16 17.11
N ILE B 153 24.84 -30.44 17.48
CA ILE B 153 25.90 -31.44 17.21
C ILE B 153 26.23 -31.63 15.71
N SER B 154 25.18 -31.64 14.88
CA SER B 154 25.34 -31.76 13.43
C SER B 154 25.95 -30.54 12.75
N ALA B 155 25.83 -29.35 13.34
CA ALA B 155 26.36 -28.09 12.76
C ALA B 155 27.89 -28.04 12.57
N GLN B 156 28.63 -28.68 13.48
CA GLN B 156 30.10 -28.74 13.47
C GLN B 156 30.76 -29.84 12.59
N ILE B 157 29.98 -30.73 11.97
CA ILE B 157 30.49 -31.82 11.10
C ILE B 157 29.53 -32.20 9.94
N GLY B 158 30.00 -32.97 8.95
CA GLY B 158 29.14 -33.53 7.88
C GLY B 158 28.69 -32.50 6.83
N ALA B 159 27.43 -32.61 6.38
CA ALA B 159 26.84 -31.73 5.37
C ALA B 159 26.54 -30.31 5.89
N GLU B 160 26.07 -30.19 7.13
CA GLU B 160 25.83 -28.87 7.77
C GLU B 160 27.11 -28.07 7.94
N LEU B 161 28.22 -28.74 8.30
CA LEU B 161 29.55 -28.10 8.31
C LEU B 161 30.00 -27.67 6.91
N ALA B 162 29.88 -28.57 5.93
CA ALA B 162 30.24 -28.29 4.53
C ALA B 162 29.45 -27.11 3.94
N ARG B 163 28.16 -27.03 4.27
CA ARG B 163 27.30 -25.88 3.91
C ARG B 163 27.71 -24.57 4.62
N ARG B 164 28.09 -24.66 5.89
CA ARG B 164 28.62 -23.50 6.65
C ARG B 164 29.90 -22.94 6.03
N LEU B 165 30.81 -23.81 5.63
CA LEU B 165 32.11 -23.42 5.05
C LEU B 165 31.96 -22.78 3.67
N GLU B 166 31.10 -23.36 2.82
CA GLU B 166 30.69 -22.76 1.53
C GLU B 166 30.08 -21.34 1.67
N PHE B 167 29.27 -21.16 2.71
CA PHE B 167 28.59 -19.92 3.04
C PHE B 167 29.54 -18.81 3.50
N ILE B 168 30.42 -19.13 4.43
CA ILE B 168 31.45 -18.17 4.90
C ILE B 168 32.51 -17.87 3.82
N GLY B 169 32.79 -18.83 2.93
CA GLY B 169 33.87 -18.72 1.93
C GLY B 169 35.24 -18.97 2.54
N THR B 170 36.30 -18.74 1.76
CA THR B 170 37.69 -18.92 2.24
C THR B 170 37.97 -17.97 3.43
N PRO B 171 38.53 -18.49 4.56
CA PRO B 171 38.82 -17.65 5.73
C PRO B 171 40.21 -17.01 5.80
N TYR B 172 41.08 -17.26 4.81
CA TYR B 172 42.51 -16.97 4.94
C TYR B 172 42.87 -15.47 4.99
N TRP B 173 42.04 -14.63 4.34
CA TRP B 173 42.18 -13.17 4.36
C TRP B 173 41.33 -12.49 5.45
N MET B 174 40.53 -13.27 6.16
CA MET B 174 39.50 -12.80 7.07
C MET B 174 40.18 -12.39 8.38
N ALA B 175 39.74 -11.28 8.95
CA ALA B 175 40.28 -10.76 10.22
C ALA B 175 39.72 -11.56 11.42
N PRO B 176 40.42 -11.56 12.59
CA PRO B 176 39.96 -12.34 13.77
C PRO B 176 38.53 -12.06 14.21
N GLU B 177 38.20 -10.77 14.35
CA GLU B 177 36.83 -10.31 14.67
C GLU B 177 35.75 -10.75 13.67
N VAL B 178 36.12 -10.88 12.39
CA VAL B 178 35.22 -11.33 11.33
C VAL B 178 35.01 -12.85 11.43
N ALA B 179 36.11 -13.58 11.68
CA ALA B 179 36.06 -15.03 11.94
C ALA B 179 35.25 -15.41 13.18
N ALA B 180 35.46 -14.67 14.27
CA ALA B 180 34.70 -14.80 15.53
C ALA B 180 33.20 -14.75 15.30
N VAL B 181 32.76 -13.74 14.57
CA VAL B 181 31.35 -13.53 14.23
C VAL B 181 30.84 -14.57 13.20
N ALA B 182 31.67 -15.01 12.27
CA ALA B 182 31.30 -16.09 11.32
C ALA B 182 30.94 -17.42 12.02
N LEU B 183 31.67 -17.75 13.09
CA LEU B 183 31.42 -18.92 13.92
C LEU B 183 30.26 -18.73 14.88
N LYS B 184 30.33 -17.67 15.69
CA LYS B 184 29.30 -17.34 16.71
C LYS B 184 27.93 -16.97 16.13
N GLY B 185 27.95 -16.07 15.17
CA GLY B 185 26.78 -15.72 14.38
C GLY B 185 25.75 -14.83 15.05
N GLY B 186 26.14 -14.11 16.10
CA GLY B 186 25.24 -13.23 16.87
C GLY B 186 24.48 -13.88 18.01
N TYR B 187 24.42 -15.21 18.04
CA TYR B 187 23.68 -15.97 19.06
C TYR B 187 24.38 -15.81 20.43
N ASN B 188 23.68 -15.17 21.38
CA ASN B 188 24.03 -15.21 22.82
C ASN B 188 22.95 -16.03 23.54
N GLU B 189 23.08 -16.22 24.85
CA GLU B 189 22.13 -17.06 25.61
C GLU B 189 20.70 -16.49 25.66
N LEU B 190 20.57 -15.18 25.81
CA LEU B 190 19.26 -14.52 25.92
C LEU B 190 18.45 -14.46 24.61
N CYS B 191 19.04 -14.78 23.45
CA CYS B 191 18.29 -14.94 22.19
C CYS B 191 17.28 -16.11 22.21
N ASP B 192 17.56 -17.15 22.99
CA ASP B 192 16.61 -18.25 23.22
C ASP B 192 15.31 -17.81 23.93
N ILE B 193 15.41 -16.77 24.77
CA ILE B 193 14.26 -16.21 25.49
C ILE B 193 13.35 -15.46 24.50
N TRP B 194 13.95 -14.66 23.61
CA TRP B 194 13.21 -14.01 22.51
C TRP B 194 12.45 -15.04 21.69
N SER B 195 13.18 -16.04 21.20
CA SER B 195 12.62 -17.13 20.38
C SER B 195 11.48 -17.90 21.05
N LEU B 196 11.55 -18.07 22.37
CA LEU B 196 10.44 -18.66 23.13
C LEU B 196 9.18 -17.78 23.12
N GLY B 197 9.39 -16.48 23.31
CA GLY B 197 8.32 -15.47 23.14
C GLY B 197 7.61 -15.57 21.80
N ILE B 198 8.39 -15.69 20.73
CA ILE B 198 7.86 -15.87 19.36
C ILE B 198 7.13 -17.22 19.26
N THR B 199 7.72 -18.26 19.83
CA THR B 199 7.11 -19.61 19.87
C THR B 199 5.75 -19.59 20.58
N ALA B 200 5.64 -18.88 21.70
CA ALA B 200 4.38 -18.73 22.43
C ALA B 200 3.28 -18.09 21.56
N ILE B 201 3.64 -17.07 20.77
CA ILE B 201 2.74 -16.50 19.76
C ILE B 201 2.39 -17.55 18.70
N GLU B 202 3.42 -18.27 18.21
CA GLU B 202 3.26 -19.34 17.20
C GLU B 202 2.25 -20.40 17.62
N LEU B 203 2.39 -20.89 18.85
CA LEU B 203 1.45 -21.85 19.42
C LEU B 203 0.05 -21.25 19.60
N ALA B 204 0.00 -19.98 20.01
CA ALA B 204 -1.27 -19.24 20.12
C ALA B 204 -2.00 -18.98 18.79
N GLU B 205 -1.26 -18.79 17.70
CA GLU B 205 -1.83 -18.32 16.40
C GLU B 205 -1.52 -19.16 15.14
N LEU B 206 -0.86 -20.33 15.31
CA LEU B 206 -0.43 -21.23 14.21
C LEU B 206 0.71 -20.75 13.28
N GLN B 207 1.30 -19.59 13.57
CA GLN B 207 2.34 -18.96 12.75
C GLN B 207 3.13 -17.99 13.64
N PRO B 208 4.44 -17.78 13.37
CA PRO B 208 5.11 -16.67 14.04
C PRO B 208 4.61 -15.32 13.48
N PRO B 209 4.89 -14.18 14.17
CA PRO B 209 4.67 -12.86 13.57
C PRO B 209 5.44 -12.68 12.27
N LEU B 210 4.87 -11.90 11.34
CA LEU B 210 5.47 -11.60 10.04
C LEU B 210 5.72 -12.82 9.11
N PHE B 211 4.98 -13.91 9.29
N PHE B 211 4.98 -13.91 9.29
CA PHE B 211 5.18 -15.14 8.51
CA PHE B 211 5.15 -15.15 8.52
C PHE B 211 4.89 -14.99 7.01
C PHE B 211 4.89 -14.99 7.01
N ASP B 212 3.97 -14.07 6.67
CA ASP B 212 3.65 -13.71 5.27
C ASP B 212 4.55 -12.63 4.64
N VAL B 213 5.44 -12.03 5.43
CA VAL B 213 6.43 -11.03 4.98
C VAL B 213 7.70 -11.77 4.57
N HIS B 214 8.36 -11.23 3.54
CA HIS B 214 9.62 -11.77 2.99
C HIS B 214 10.76 -11.71 4.03
N PRO B 215 11.55 -12.81 4.19
CA PRO B 215 12.54 -12.91 5.29
C PRO B 215 13.60 -11.79 5.40
N LEU B 216 14.17 -11.38 4.25
CA LEU B 216 15.08 -10.22 4.18
C LEU B 216 14.46 -8.91 4.70
N ARG B 217 13.21 -8.66 4.30
CA ARG B 217 12.43 -7.52 4.79
C ARG B 217 12.23 -7.56 6.30
N VAL B 218 11.94 -8.75 6.83
CA VAL B 218 11.79 -8.97 8.27
C VAL B 218 13.12 -8.70 9.00
N LEU B 219 14.23 -9.21 8.44
CA LEU B 219 15.59 -8.96 8.96
C LEU B 219 15.97 -7.48 8.99
N PHE B 220 15.65 -6.75 7.92
CA PHE B 220 15.86 -5.29 7.87
C PHE B 220 15.03 -4.54 8.93
N LEU B 221 13.74 -4.88 9.03
CA LEU B 221 12.82 -4.23 10.00
C LEU B 221 13.22 -4.44 11.46
N MET B 222 13.61 -5.68 11.79
CA MET B 222 14.18 -6.04 13.13
C MET B 222 15.42 -5.25 13.55
N THR B 223 16.25 -4.87 12.56
CA THR B 223 17.48 -4.11 12.80
C THR B 223 17.33 -2.57 12.83
N LYS B 224 16.13 -2.05 12.54
CA LYS B 224 15.88 -0.60 12.60
C LYS B 224 15.82 -0.07 14.03
N SER B 225 15.98 1.25 14.16
CA SER B 225 15.99 1.95 15.45
C SER B 225 14.65 1.87 16.17
N GLY B 226 13.57 2.22 15.44
CA GLY B 226 12.20 2.18 15.97
C GLY B 226 11.43 0.88 15.79
N TYR B 227 12.13 -0.26 15.74
CA TYR B 227 11.46 -1.57 15.62
C TYR B 227 10.59 -1.84 16.85
N GLN B 228 9.34 -2.22 16.58
CA GLN B 228 8.39 -2.58 17.62
C GLN B 228 8.35 -4.11 17.67
N PRO B 229 8.67 -4.71 18.84
CA PRO B 229 8.47 -6.16 19.00
C PRO B 229 7.02 -6.59 18.74
N PRO B 230 6.80 -7.81 18.19
CA PRO B 230 5.43 -8.26 17.97
C PRO B 230 4.64 -8.54 19.25
N ARG B 231 3.33 -8.67 19.07
CA ARG B 231 2.37 -8.95 20.13
C ARG B 231 1.33 -9.96 19.64
N LEU B 232 0.56 -10.50 20.57
CA LEU B 232 -0.61 -11.33 20.26
C LEU B 232 -1.67 -10.46 19.55
N LYS B 233 -2.30 -11.02 18.50
CA LYS B 233 -3.23 -10.27 17.65
C LYS B 233 -4.50 -9.87 18.40
N GLU B 234 -5.16 -10.88 18.99
CA GLU B 234 -6.41 -10.70 19.73
C GLU B 234 -6.08 -10.38 21.18
N LYS B 235 -6.54 -9.25 21.72
CA LYS B 235 -6.23 -8.84 23.10
C LYS B 235 -7.11 -9.60 24.12
N GLY B 236 -8.42 -9.59 23.91
CA GLY B 236 -9.40 -10.17 24.84
C GLY B 236 -9.34 -11.67 25.08
N LYS B 237 -8.83 -12.41 24.10
CA LYS B 237 -8.68 -13.88 24.20
C LYS B 237 -7.66 -14.32 25.27
N TRP B 238 -6.61 -13.52 25.47
CA TRP B 238 -5.48 -13.85 26.32
C TRP B 238 -5.43 -12.96 27.56
N SER B 239 -4.98 -13.51 28.68
CA SER B 239 -4.89 -12.76 29.94
C SER B 239 -3.73 -11.76 29.95
N ALA B 240 -3.80 -10.80 30.87
CA ALA B 240 -2.75 -9.80 31.10
C ALA B 240 -1.36 -10.42 31.37
N ALA B 241 -1.33 -11.53 32.12
CA ALA B 241 -0.10 -12.27 32.41
C ALA B 241 0.56 -12.86 31.16
N PHE B 242 -0.26 -13.39 30.24
CA PHE B 242 0.25 -13.88 28.95
C PHE B 242 0.76 -12.72 28.07
N HIS B 243 0.01 -11.61 27.99
CA HIS B 243 0.48 -10.40 27.30
C HIS B 243 1.81 -9.89 27.86
N ASN B 244 1.93 -9.86 29.20
CA ASN B 244 3.18 -9.48 29.88
C ASN B 244 4.34 -10.43 29.58
N PHE B 245 4.06 -11.73 29.56
CA PHE B 245 5.06 -12.75 29.18
C PHE B 245 5.68 -12.44 27.82
N ILE B 246 4.82 -12.17 26.84
CA ILE B 246 5.23 -11.78 25.48
C ILE B 246 6.01 -10.45 25.49
N LYS B 247 5.57 -9.48 26.28
CA LYS B 247 6.25 -8.18 26.39
C LYS B 247 7.69 -8.29 26.92
N VAL B 248 7.87 -9.02 28.02
CA VAL B 248 9.20 -9.15 28.65
C VAL B 248 10.14 -10.07 27.88
N THR B 249 9.63 -11.20 27.36
CA THR B 249 10.43 -12.09 26.52
C THR B 249 10.90 -11.43 25.23
N LEU B 250 10.05 -10.57 24.65
CA LEU B 250 10.40 -9.80 23.44
C LEU B 250 10.89 -8.39 23.77
N THR B 251 11.81 -8.30 24.74
CA THR B 251 12.59 -7.09 24.98
C THR B 251 13.65 -7.03 23.88
N LYS B 252 13.72 -5.88 23.21
CA LYS B 252 14.63 -5.67 22.07
C LYS B 252 16.10 -5.69 22.49
N SER B 253 16.42 -4.94 23.54
CA SER B 253 17.77 -4.89 24.10
C SER B 253 18.11 -6.21 24.83
N PRO B 254 19.22 -6.90 24.44
CA PRO B 254 19.68 -8.09 25.18
C PRO B 254 20.05 -7.85 26.65
N LYS B 255 20.59 -6.66 26.96
CA LYS B 255 20.94 -6.30 28.35
C LYS B 255 19.72 -6.24 29.29
N LYS B 256 18.61 -5.70 28.80
CA LYS B 256 17.34 -5.60 29.55
C LYS B 256 16.46 -6.86 29.54
N ARG B 257 16.74 -7.81 28.65
CA ARG B 257 15.89 -9.00 28.47
C ARG B 257 16.15 -10.03 29.58
N PRO B 258 15.08 -10.56 30.23
CA PRO B 258 15.25 -11.43 31.40
C PRO B 258 15.77 -12.83 31.08
N SER B 259 16.54 -13.41 32.02
CA SER B 259 17.08 -14.77 31.88
C SER B 259 15.99 -15.85 31.99
N ALA B 260 16.38 -17.09 31.68
CA ALA B 260 15.50 -18.24 31.82
C ALA B 260 15.07 -18.48 33.28
N THR B 261 16.02 -18.36 34.22
CA THR B 261 15.74 -18.44 35.66
C THR B 261 14.74 -17.38 36.11
N LYS B 262 14.99 -16.13 35.71
CA LYS B 262 14.05 -15.01 35.98
C LYS B 262 12.64 -15.27 35.44
N MET B 263 12.58 -15.74 34.19
CA MET B 263 11.28 -16.06 33.56
C MET B 263 10.51 -17.20 34.24
N LEU B 264 11.20 -18.17 34.85
CA LEU B 264 10.54 -19.25 35.61
C LEU B 264 9.76 -18.79 36.86
N SER B 265 10.11 -17.62 37.42
CA SER B 265 9.32 -16.97 38.48
C SER B 265 8.17 -16.06 38.00
N HIS B 266 7.94 -15.99 36.68
CA HIS B 266 6.87 -15.19 36.08
C HIS B 266 5.53 -15.89 36.25
N GLN B 267 4.47 -15.09 36.47
CA GLN B 267 3.11 -15.56 36.82
C GLN B 267 2.57 -16.65 35.90
N LEU B 268 2.64 -16.41 34.59
CA LEU B 268 2.21 -17.35 33.55
C LEU B 268 2.74 -18.77 33.74
N VAL B 269 4.05 -18.91 33.96
CA VAL B 269 4.70 -20.24 34.10
C VAL B 269 4.86 -20.75 35.54
N SER B 270 4.72 -19.87 36.53
CA SER B 270 4.76 -20.26 37.96
C SER B 270 3.39 -20.59 38.59
N GLN B 271 2.30 -20.48 37.82
CA GLN B 271 0.94 -20.72 38.32
C GLN B 271 0.71 -22.22 38.60
N PRO B 272 -0.21 -22.56 39.52
CA PRO B 272 -0.55 -23.98 39.74
C PRO B 272 -1.41 -24.55 38.59
N GLY B 273 -1.53 -25.88 38.59
CA GLY B 273 -2.28 -26.59 37.57
C GLY B 273 -1.62 -26.74 36.21
N LEU B 274 -0.33 -26.42 36.09
CA LEU B 274 0.45 -26.69 34.88
C LEU B 274 1.10 -28.07 35.07
N ASN B 275 0.59 -29.04 34.32
CA ASN B 275 1.15 -30.40 34.28
C ASN B 275 0.88 -31.06 32.94
N ARG B 276 1.48 -32.24 32.73
CA ARG B 276 1.37 -33.03 31.49
C ARG B 276 -0.06 -33.42 31.04
N GLY B 277 -1.01 -33.44 31.97
CA GLY B 277 -2.43 -33.63 31.67
C GLY B 277 -2.98 -32.70 30.59
N LEU B 278 -2.55 -31.44 30.65
CA LEU B 278 -2.88 -30.42 29.64
C LEU B 278 -2.52 -30.85 28.21
N ILE B 279 -1.35 -31.49 28.06
CA ILE B 279 -0.88 -32.03 26.79
C ILE B 279 -1.53 -33.38 26.46
N LEU B 280 -1.83 -34.21 27.45
CA LEU B 280 -2.61 -35.47 27.22
C LEU B 280 -4.01 -35.20 26.65
N ASP B 281 -4.64 -34.09 27.07
CA ASP B 281 -5.87 -33.58 26.45
C ASP B 281 -5.67 -33.17 24.99
N LEU B 282 -4.56 -32.48 24.72
CA LEU B 282 -4.18 -32.09 23.35
C LEU B 282 -3.95 -33.30 22.43
N LEU B 283 -3.24 -34.31 22.93
CA LEU B 283 -3.06 -35.58 22.19
C LEU B 283 -4.35 -36.37 21.99
N ASP B 284 -5.29 -36.24 22.92
CA ASP B 284 -6.64 -36.81 22.76
C ASP B 284 -7.47 -36.06 21.70
N LYS B 285 -7.35 -34.73 21.68
CA LYS B 285 -7.92 -33.89 20.62
C LYS B 285 -7.36 -34.25 19.24
N LEU B 286 -6.05 -34.51 19.17
CA LEU B 286 -5.38 -35.03 17.97
C LEU B 286 -5.94 -36.36 17.47
N LYS B 287 -6.21 -37.29 18.39
CA LYS B 287 -6.75 -38.63 18.08
C LYS B 287 -8.25 -38.62 17.72
N ASN B 288 -9.04 -37.86 18.48
CA ASN B 288 -10.51 -37.67 18.19
C ASN B 288 -10.89 -36.17 18.14
N PRO B 289 -10.85 -35.54 16.93
CA PRO B 289 -11.29 -34.14 16.78
C PRO B 289 -12.78 -33.88 17.05
N ILE C 3 -28.56 -0.88 17.22
CA ILE C 3 -28.13 0.47 17.73
C ILE C 3 -28.40 0.51 19.23
N PHE C 4 -27.33 0.53 20.03
CA PHE C 4 -27.45 0.65 21.49
C PHE C 4 -27.82 2.08 21.89
N ASN C 5 -28.94 2.25 22.58
CA ASN C 5 -29.45 3.57 22.98
C ASN C 5 -28.83 3.95 24.33
N ARG C 6 -27.55 4.28 24.26
CA ARG C 6 -26.72 4.57 25.45
C ARG C 6 -25.54 5.48 25.10
N ASP C 7 -24.94 6.06 26.14
CA ASP C 7 -23.80 6.96 26.02
C ASP C 7 -22.54 6.12 25.66
N PRO C 8 -21.83 6.46 24.56
CA PRO C 8 -20.55 5.78 24.28
C PRO C 8 -19.38 6.17 25.21
N ARG C 9 -19.51 7.28 25.95
CA ARG C 9 -18.47 7.74 26.88
C ARG C 9 -18.14 6.77 28.02
N ASP C 10 -19.13 5.97 28.45
CA ASP C 10 -18.86 4.88 29.42
C ASP C 10 -18.05 3.73 28.84
N HIS C 11 -18.28 3.43 27.56
CA HIS C 11 -17.53 2.42 26.80
C HIS C 11 -16.18 2.86 26.21
N TYR C 12 -16.08 4.13 25.79
CA TYR C 12 -14.89 4.69 25.11
C TYR C 12 -14.50 6.08 25.61
N ASP C 13 -13.19 6.38 25.61
CA ASP C 13 -12.66 7.72 25.88
C ASP C 13 -12.10 8.27 24.58
N LEU C 14 -12.58 9.46 24.17
CA LEU C 14 -12.11 10.12 22.93
C LEU C 14 -10.73 10.75 23.16
N LEU C 15 -9.74 10.30 22.40
CA LEU C 15 -8.34 10.74 22.55
C LEU C 15 -8.03 11.94 21.66
N GLN C 16 -8.18 11.75 20.35
CA GLN C 16 -7.69 12.68 19.33
C GLN C 16 -8.61 12.72 18.11
N ARG C 17 -8.94 13.93 17.63
CA ARG C 17 -9.65 14.13 16.37
C ARG C 17 -8.72 13.79 15.20
N LEU C 18 -9.14 12.85 14.36
CA LEU C 18 -8.38 12.40 13.17
C LEU C 18 -8.71 13.23 11.93
N GLY C 19 -9.99 13.56 11.76
CA GLY C 19 -10.44 14.45 10.69
C GLY C 19 -11.91 14.75 10.75
N GLY C 20 -12.37 15.60 9.84
CA GLY C 20 -13.78 15.95 9.75
C GLY C 20 -14.26 16.45 8.40
N GLY C 21 -15.56 16.67 8.33
CA GLY C 21 -16.22 17.15 7.11
C GLY C 21 -17.74 17.09 7.18
N THR C 22 -18.37 16.99 6.01
CA THR C 22 -19.83 16.87 5.90
C THR C 22 -20.31 15.49 6.36
N TYR C 23 -19.58 14.45 5.95
CA TYR C 23 -19.70 13.07 6.48
C TYR C 23 -19.73 12.93 8.00
N GLY C 24 -18.94 13.76 8.69
CA GLY C 24 -18.94 13.85 10.18
C GLY C 24 -17.56 14.09 10.75
N GLU C 25 -17.47 13.97 12.08
CA GLU C 25 -16.18 13.99 12.79
C GLU C 25 -15.78 12.55 13.10
N VAL C 26 -14.47 12.29 13.05
CA VAL C 26 -13.90 10.96 13.32
C VAL C 26 -12.77 11.11 14.33
N PHE C 27 -12.88 10.37 15.44
CA PHE C 27 -11.92 10.41 16.55
C PHE C 27 -11.19 9.08 16.74
N LYS C 28 -9.93 9.16 17.18
CA LYS C 28 -9.22 8.04 17.78
C LYS C 28 -9.74 7.89 19.21
N ALA C 29 -10.12 6.67 19.59
CA ALA C 29 -10.74 6.41 20.91
C ALA C 29 -10.28 5.07 21.52
N ARG C 30 -10.15 5.07 22.85
CA ARG C 30 -9.62 3.93 23.61
C ARG C 30 -10.76 3.24 24.37
N ASP C 31 -10.77 1.90 24.35
CA ASP C 31 -11.74 1.10 25.12
C ASP C 31 -11.36 1.17 26.62
N LYS C 32 -12.36 1.36 27.48
CA LYS C 32 -12.18 1.48 28.94
C LYS C 32 -11.67 0.21 29.62
N VAL C 33 -12.24 -0.94 29.24
CA VAL C 33 -11.89 -2.24 29.83
C VAL C 33 -10.72 -2.87 29.08
N SER C 34 -10.96 -3.19 27.80
CA SER C 34 -9.99 -3.94 26.98
C SER C 34 -8.73 -3.17 26.57
N GLY C 35 -8.77 -1.82 26.61
CA GLY C 35 -7.64 -0.99 26.13
C GLY C 35 -7.43 -0.89 24.61
N ASP C 36 -8.33 -1.47 23.83
CA ASP C 36 -8.23 -1.49 22.36
C ASP C 36 -8.52 -0.09 21.80
N LEU C 37 -7.75 0.29 20.77
CA LEU C 37 -7.97 1.51 20.03
C LEU C 37 -9.05 1.28 18.97
N VAL C 38 -9.96 2.24 18.81
CA VAL C 38 -11.00 2.24 17.76
C VAL C 38 -11.12 3.62 17.09
N ALA C 39 -11.79 3.63 15.94
CA ALA C 39 -12.19 4.85 15.24
C ALA C 39 -13.67 5.08 15.53
N LEU C 40 -14.00 6.23 16.13
CA LEU C 40 -15.38 6.62 16.45
C LEU C 40 -15.82 7.76 15.52
N LYS C 41 -16.75 7.44 14.61
CA LYS C 41 -17.32 8.41 13.65
C LYS C 41 -18.58 9.03 14.24
N MET C 42 -18.48 10.29 14.69
CA MET C 42 -19.62 11.07 15.17
C MET C 42 -20.38 11.65 13.98
N VAL C 43 -21.70 11.45 13.96
CA VAL C 43 -22.59 12.03 12.96
C VAL C 43 -23.71 12.78 13.71
N LYS C 44 -23.81 14.09 13.48
CA LYS C 44 -24.85 14.94 14.05
C LYS C 44 -26.20 14.63 13.38
N MET C 45 -27.24 14.39 14.19
CA MET C 45 -28.56 13.96 13.73
C MET C 45 -29.51 15.15 13.72
N GLU C 46 -30.05 15.45 12.55
CA GLU C 46 -31.15 16.42 12.39
C GLU C 46 -32.48 15.79 12.83
N PRO C 47 -33.47 16.60 13.31
CA PRO C 47 -34.74 16.07 13.85
C PRO C 47 -35.60 15.18 12.94
N ASP C 48 -35.60 15.45 11.62
CA ASP C 48 -36.37 14.66 10.62
C ASP C 48 -35.48 13.62 9.90
N ASP C 49 -34.93 12.71 10.69
CA ASP C 49 -34.15 11.54 10.23
C ASP C 49 -34.94 10.29 10.60
N ASP C 50 -35.16 9.42 9.62
CA ASP C 50 -35.92 8.18 9.83
C ASP C 50 -35.02 7.18 10.59
N VAL C 51 -35.40 6.85 11.83
CA VAL C 51 -34.68 5.85 12.65
C VAL C 51 -34.76 4.43 12.06
N SER C 52 -35.89 4.10 11.42
CA SER C 52 -36.08 2.81 10.73
C SER C 52 -35.10 2.59 9.57
N THR C 53 -34.85 3.63 8.77
CA THR C 53 -33.87 3.55 7.66
C THR C 53 -32.42 3.45 8.16
N LEU C 54 -32.11 4.21 9.22
CA LEU C 54 -30.84 4.10 9.96
C LEU C 54 -30.56 2.69 10.48
N GLN C 55 -31.60 2.04 11.03
CA GLN C 55 -31.54 0.62 11.45
C GLN C 55 -31.25 -0.33 10.28
N LYS C 56 -31.95 -0.12 9.17
CA LYS C 56 -31.72 -0.91 7.93
C LYS C 56 -30.33 -0.71 7.31
N GLU C 57 -29.79 0.53 7.40
CA GLU C 57 -28.42 0.82 6.96
C GLU C 57 -27.33 0.18 7.85
N ILE C 58 -27.54 0.20 9.17
CA ILE C 58 -26.64 -0.42 10.15
C ILE C 58 -26.66 -1.96 10.08
N LEU C 59 -27.82 -2.55 9.77
CA LEU C 59 -27.92 -4.01 9.47
C LEU C 59 -27.07 -4.42 8.24
N ILE C 60 -27.05 -3.55 7.22
CA ILE C 60 -26.18 -3.70 6.03
C ILE C 60 -24.69 -3.59 6.42
N LEU C 61 -24.35 -2.64 7.29
CA LEU C 61 -22.99 -2.52 7.86
C LEU C 61 -22.57 -3.70 8.74
N LYS C 62 -23.51 -4.23 9.53
CA LYS C 62 -23.27 -5.38 10.42
C LYS C 62 -23.00 -6.65 9.63
N THR C 63 -23.86 -6.92 8.64
CA THR C 63 -23.70 -8.07 7.73
C THR C 63 -22.47 -8.01 6.79
N CYS C 64 -22.03 -6.80 6.42
CA CYS C 64 -20.92 -6.64 5.46
C CYS C 64 -19.54 -6.86 6.12
N ARG C 65 -19.17 -8.14 6.24
CA ARG C 65 -17.87 -8.56 6.85
C ARG C 65 -16.87 -9.00 5.76
N HIS C 66 -15.73 -8.30 5.70
CA HIS C 66 -14.64 -8.66 4.79
C HIS C 66 -13.33 -8.06 5.27
N ALA C 67 -12.23 -8.79 5.04
CA ALA C 67 -10.89 -8.39 5.53
C ALA C 67 -10.46 -6.99 5.08
N ASN C 68 -10.62 -6.72 3.78
CA ASN C 68 -10.31 -5.40 3.18
C ASN C 68 -11.33 -4.24 3.34
N ILE C 69 -12.42 -4.47 4.09
CA ILE C 69 -13.35 -3.42 4.53
C ILE C 69 -13.12 -3.21 6.02
N VAL C 70 -13.14 -1.94 6.45
CA VAL C 70 -13.01 -1.58 7.88
C VAL C 70 -14.13 -2.25 8.69
N ALA C 71 -13.77 -2.95 9.77
CA ALA C 71 -14.72 -3.70 10.58
C ALA C 71 -15.63 -2.78 11.39
N TYR C 72 -16.91 -3.15 11.43
CA TYR C 72 -17.93 -2.47 12.23
C TYR C 72 -18.01 -3.19 13.59
N HIS C 73 -17.85 -2.43 14.68
CA HIS C 73 -17.93 -2.98 16.05
C HIS C 73 -19.31 -2.78 16.68
N GLY C 74 -19.79 -1.53 16.63
CA GLY C 74 -21.13 -1.20 17.09
C GLY C 74 -21.57 0.21 16.78
N SER C 75 -22.78 0.54 17.25
CA SER C 75 -23.40 1.87 17.11
C SER C 75 -24.00 2.33 18.42
N TYR C 76 -23.91 3.64 18.67
CA TYR C 76 -24.51 4.29 19.83
C TYR C 76 -25.28 5.53 19.34
N LEU C 77 -26.54 5.64 19.78
CA LEU C 77 -27.39 6.81 19.55
C LEU C 77 -27.59 7.50 20.91
N TRP C 78 -27.07 8.72 21.05
CA TRP C 78 -27.12 9.46 22.31
C TRP C 78 -27.07 10.97 22.08
N LEU C 79 -28.15 11.66 22.48
CA LEU C 79 -28.27 13.14 22.45
C LEU C 79 -28.23 13.72 21.02
N GLN C 80 -29.04 13.14 20.14
CA GLN C 80 -29.10 13.47 18.70
C GLN C 80 -27.72 13.46 17.98
N LYS C 81 -26.90 12.46 18.34
CA LYS C 81 -25.58 12.22 17.74
C LYS C 81 -25.41 10.71 17.57
N LEU C 82 -25.32 10.26 16.32
CA LEU C 82 -25.00 8.86 15.99
C LEU C 82 -23.50 8.70 16.06
N TRP C 83 -23.03 7.72 16.87
CA TRP C 83 -21.62 7.32 16.91
C TRP C 83 -21.51 5.93 16.29
N ILE C 84 -20.53 5.76 15.38
CA ILE C 84 -20.28 4.47 14.70
C ILE C 84 -18.87 4.06 15.09
N CYS C 85 -18.78 3.01 15.91
CA CYS C 85 -17.50 2.47 16.36
C CYS C 85 -16.95 1.51 15.32
N MET C 86 -15.70 1.75 14.88
CA MET C 86 -15.07 0.97 13.80
C MET C 86 -13.61 0.64 14.09
N GLU C 87 -13.07 -0.26 13.27
CA GLU C 87 -11.64 -0.61 13.22
C GLU C 87 -10.78 0.63 13.01
N PHE C 88 -9.72 0.76 13.83
CA PHE C 88 -8.71 1.81 13.72
C PHE C 88 -7.64 1.38 12.72
N CYS C 89 -7.23 2.31 11.86
CA CYS C 89 -6.10 2.11 10.93
C CYS C 89 -5.04 3.15 11.25
N GLY C 90 -4.03 2.73 12.02
CA GLY C 90 -3.07 3.62 12.66
C GLY C 90 -2.08 4.40 11.80
N ALA C 91 -1.91 4.03 10.53
CA ALA C 91 -1.08 4.80 9.59
C ALA C 91 -1.85 5.80 8.70
N GLY C 92 -3.17 5.96 8.91
CA GLY C 92 -3.98 6.90 8.15
C GLY C 92 -4.22 6.43 6.72
N SER C 93 -4.49 7.39 5.84
CA SER C 93 -4.74 7.10 4.42
C SER C 93 -3.43 7.01 3.64
N LEU C 94 -3.52 6.42 2.45
CA LEU C 94 -2.41 6.45 1.49
C LEU C 94 -2.00 7.86 1.04
N GLN C 95 -2.97 8.79 0.99
CA GLN C 95 -2.70 10.20 0.75
C GLN C 95 -1.79 10.80 1.81
N ASP C 96 -2.14 10.60 3.08
CA ASP C 96 -1.30 11.05 4.22
C ASP C 96 0.13 10.51 4.14
N ILE C 97 0.24 9.26 3.69
CA ILE C 97 1.53 8.57 3.53
C ILE C 97 2.34 9.14 2.36
N TYR C 98 1.78 9.13 1.14
CA TYR C 98 2.54 9.56 -0.07
C TYR C 98 3.00 11.02 -0.06
N GLN C 99 2.24 11.88 0.62
CA GLN C 99 2.61 13.29 0.85
C GLN C 99 3.91 13.48 1.66
N VAL C 100 4.28 12.47 2.46
CA VAL C 100 5.58 12.41 3.17
C VAL C 100 6.58 11.54 2.40
N THR C 101 6.19 10.32 2.04
CA THR C 101 7.11 9.34 1.44
C THR C 101 7.47 9.60 -0.03
N GLY C 102 6.62 10.34 -0.75
CA GLY C 102 6.71 10.44 -2.21
C GLY C 102 6.00 9.24 -2.84
N SER C 103 6.23 9.06 -4.14
CA SER C 103 5.49 8.09 -4.94
C SER C 103 5.76 6.66 -4.49
N LEU C 104 4.70 5.86 -4.51
CA LEU C 104 4.81 4.43 -4.22
C LEU C 104 5.47 3.72 -5.41
N SER C 105 6.15 2.62 -5.11
CA SER C 105 6.72 1.76 -6.13
C SER C 105 5.59 0.97 -6.81
N GLU C 106 5.91 0.39 -7.96
CA GLU C 106 4.93 -0.38 -8.74
C GLU C 106 4.38 -1.58 -7.95
N LEU C 107 5.25 -2.32 -7.27
CA LEU C 107 4.85 -3.49 -6.46
C LEU C 107 3.96 -3.08 -5.29
N GLN C 108 4.29 -1.97 -4.63
CA GLN C 108 3.42 -1.39 -3.57
C GLN C 108 2.02 -1.02 -4.09
N ILE C 109 1.97 -0.36 -5.25
CA ILE C 109 0.71 -0.02 -5.92
C ILE C 109 -0.06 -1.28 -6.30
N SER C 110 0.65 -2.27 -6.85
CA SER C 110 0.07 -3.56 -7.23
C SER C 110 -0.58 -4.28 -6.04
N TYR C 111 0.09 -4.27 -4.88
CA TYR C 111 -0.46 -4.82 -3.64
C TYR C 111 -1.72 -4.05 -3.20
N VAL C 112 -1.62 -2.72 -3.14
CA VAL C 112 -2.78 -1.87 -2.81
C VAL C 112 -3.99 -2.17 -3.71
N CYS C 113 -3.74 -2.21 -5.03
CA CYS C 113 -4.78 -2.48 -6.03
C CYS C 113 -5.44 -3.85 -5.84
N ARG C 114 -4.65 -4.89 -5.55
CA ARG C 114 -5.18 -6.23 -5.26
C ARG C 114 -6.14 -6.20 -4.07
N GLU C 115 -5.73 -5.53 -3.00
CA GLU C 115 -6.53 -5.47 -1.77
C GLU C 115 -7.80 -4.63 -1.92
N VAL C 116 -7.73 -3.53 -2.68
CA VAL C 116 -8.91 -2.71 -3.01
C VAL C 116 -9.89 -3.51 -3.86
N LEU C 117 -9.38 -4.20 -4.90
CA LEU C 117 -10.20 -5.06 -5.77
C LEU C 117 -10.89 -6.21 -5.03
N GLN C 118 -10.18 -6.80 -4.08
CA GLN C 118 -10.78 -7.77 -3.14
C GLN C 118 -11.92 -7.16 -2.33
N GLY C 119 -11.70 -5.95 -1.80
CA GLY C 119 -12.75 -5.15 -1.18
C GLY C 119 -13.93 -4.83 -2.11
N LEU C 120 -13.62 -4.38 -3.32
CA LEU C 120 -14.67 -3.99 -4.30
C LEU C 120 -15.49 -5.16 -4.83
N ALA C 121 -14.82 -6.28 -5.13
CA ALA C 121 -15.50 -7.52 -5.58
C ALA C 121 -16.51 -8.02 -4.55
N TYR C 122 -16.16 -7.90 -3.27
CA TYR C 122 -17.07 -8.17 -2.16
C TYR C 122 -18.25 -7.19 -2.14
N LEU C 123 -17.97 -5.90 -2.14
CA LEU C 123 -19.01 -4.84 -2.14
C LEU C 123 -19.98 -4.97 -3.32
N HIS C 124 -19.46 -5.24 -4.51
CA HIS C 124 -20.30 -5.43 -5.71
C HIS C 124 -21.14 -6.72 -5.67
N SER C 125 -20.61 -7.78 -5.06
CA SER C 125 -21.40 -9.01 -4.81
C SER C 125 -22.58 -8.79 -3.83
N GLN C 126 -22.43 -7.84 -2.91
CA GLN C 126 -23.52 -7.38 -2.02
C GLN C 126 -24.43 -6.27 -2.62
N LYS C 127 -24.35 -6.03 -3.94
CA LYS C 127 -25.09 -4.97 -4.64
C LYS C 127 -24.83 -3.53 -4.15
N LYS C 128 -23.63 -3.29 -3.62
CA LYS C 128 -23.19 -1.96 -3.17
C LYS C 128 -22.22 -1.33 -4.17
N ILE C 129 -22.06 -0.02 -4.03
CA ILE C 129 -21.10 0.77 -4.80
C ILE C 129 -20.39 1.66 -3.78
N HIS C 130 -19.05 1.70 -3.82
CA HIS C 130 -18.27 2.57 -2.93
C HIS C 130 -18.45 4.05 -3.28
N ARG C 131 -18.41 4.37 -4.58
CA ARG C 131 -18.65 5.73 -5.15
C ARG C 131 -17.51 6.75 -4.97
N ASP C 132 -16.42 6.37 -4.29
CA ASP C 132 -15.41 7.34 -3.82
C ASP C 132 -14.02 6.72 -3.58
N ILE C 133 -13.60 5.86 -4.50
CA ILE C 133 -12.27 5.24 -4.43
C ILE C 133 -11.23 6.29 -4.77
N LYS C 134 -10.40 6.60 -3.78
CA LYS C 134 -9.22 7.43 -3.96
C LYS C 134 -8.26 7.19 -2.81
N GLY C 135 -7.01 7.63 -3.00
CA GLY C 135 -5.95 7.51 -2.02
C GLY C 135 -6.32 7.91 -0.60
N ALA C 136 -7.05 9.01 -0.45
CA ALA C 136 -7.53 9.48 0.87
C ALA C 136 -8.53 8.57 1.60
N ASN C 137 -9.22 7.68 0.86
CA ASN C 137 -10.19 6.71 1.41
C ASN C 137 -9.69 5.25 1.46
N ILE C 138 -8.43 5.01 1.10
CA ILE C 138 -7.76 3.71 1.25
C ILE C 138 -6.87 3.85 2.49
N LEU C 139 -7.24 3.16 3.57
CA LEU C 139 -6.57 3.26 4.87
C LEU C 139 -5.57 2.12 5.10
N ILE C 140 -4.55 2.43 5.91
CA ILE C 140 -3.43 1.53 6.17
C ILE C 140 -3.30 1.41 7.69
N ASN C 141 -3.34 0.18 8.20
CA ASN C 141 -3.07 -0.11 9.63
C ASN C 141 -1.56 -0.33 9.87
N ASP C 142 -1.18 -0.43 11.13
CA ASP C 142 0.24 -0.62 11.53
C ASP C 142 0.87 -1.93 11.02
N ALA C 143 0.04 -2.95 10.76
CA ALA C 143 0.48 -4.21 10.12
C ALA C 143 0.71 -4.12 8.60
N GLY C 144 0.46 -2.97 7.96
CA GLY C 144 0.62 -2.80 6.52
C GLY C 144 -0.53 -3.35 5.70
N GLU C 145 -1.70 -3.50 6.33
CA GLU C 145 -2.88 -4.06 5.68
C GLU C 145 -3.78 -2.91 5.20
N VAL C 146 -4.55 -3.21 4.15
CA VAL C 146 -5.27 -2.22 3.35
C VAL C 146 -6.77 -2.37 3.62
N ARG C 147 -7.39 -1.27 4.07
CA ARG C 147 -8.81 -1.24 4.42
C ARG C 147 -9.50 -0.09 3.67
N LEU C 148 -10.70 -0.35 3.13
CA LEU C 148 -11.55 0.69 2.53
C LEU C 148 -12.42 1.32 3.62
N ALA C 149 -12.36 2.65 3.71
CA ALA C 149 -13.26 3.45 4.55
C ALA C 149 -14.55 3.67 3.79
N ASP C 150 -15.69 3.32 4.41
CA ASP C 150 -17.03 3.51 3.83
C ASP C 150 -17.73 4.69 4.50
N PHE C 151 -17.87 5.79 3.74
CA PHE C 151 -18.63 6.99 4.16
C PHE C 151 -20.11 7.00 3.70
N GLY C 152 -20.59 5.93 3.06
CA GLY C 152 -21.99 5.82 2.60
C GLY C 152 -23.08 5.94 3.66
N ILE C 153 -22.79 5.48 4.87
CA ILE C 153 -23.71 5.58 6.03
C ILE C 153 -24.13 7.02 6.38
N SER C 154 -23.17 7.94 6.33
CA SER C 154 -23.42 9.36 6.60
C SER C 154 -24.25 10.07 5.52
N ALA C 155 -24.23 9.58 4.28
CA ALA C 155 -24.97 10.19 3.15
C ALA C 155 -26.50 10.23 3.32
N GLN C 156 -27.06 9.20 3.95
CA GLN C 156 -28.50 9.05 4.19
C GLN C 156 -29.04 9.67 5.52
N ILE C 157 -28.19 10.35 6.31
CA ILE C 157 -28.62 11.05 7.56
C ILE C 157 -27.82 12.32 7.82
N GLY C 158 -28.36 13.17 8.69
CA GLY C 158 -27.62 14.32 9.25
C GLY C 158 -27.43 15.50 8.31
N ALA C 159 -26.27 16.15 8.44
CA ALA C 159 -25.89 17.29 7.61
C ALA C 159 -25.60 16.95 6.14
N GLU C 160 -24.97 15.79 5.90
CA GLU C 160 -24.70 15.33 4.52
C GLU C 160 -25.98 15.05 3.72
N LEU C 161 -26.98 14.48 4.37
CA LEU C 161 -28.32 14.31 3.78
C LEU C 161 -29.01 15.65 3.54
N ALA C 162 -28.98 16.52 4.56
CA ALA C 162 -29.59 17.87 4.45
C ALA C 162 -28.98 18.71 3.32
N ARG C 163 -27.66 18.63 3.17
CA ARG C 163 -26.93 19.27 2.04
C ARG C 163 -27.28 18.64 0.68
N ARG C 164 -27.44 17.31 0.63
CA ARG C 164 -27.91 16.62 -0.59
C ARG C 164 -29.30 17.08 -1.05
N LEU C 165 -30.22 17.26 -0.09
CA LEU C 165 -31.58 17.74 -0.35
C LEU C 165 -31.62 19.19 -0.86
N GLU C 166 -30.83 20.07 -0.25
CA GLU C 166 -30.61 21.46 -0.72
C GLU C 166 -30.11 21.53 -2.18
N PHE C 167 -29.19 20.64 -2.53
CA PHE C 167 -28.63 20.50 -3.89
C PHE C 167 -29.64 20.01 -4.93
N ILE C 168 -30.42 18.99 -4.57
CA ILE C 168 -31.49 18.46 -5.42
C ILE C 168 -32.67 19.46 -5.59
N GLY C 169 -32.88 20.33 -4.59
CA GLY C 169 -34.02 21.26 -4.56
C GLY C 169 -35.32 20.57 -4.17
N THR C 170 -36.43 21.31 -4.19
CA THR C 170 -37.78 20.73 -3.93
C THR C 170 -38.09 19.62 -4.98
N PRO C 171 -38.52 18.41 -4.55
CA PRO C 171 -38.81 17.32 -5.49
C PRO C 171 -40.26 17.22 -6.00
N TYR C 172 -41.16 18.09 -5.55
CA TYR C 172 -42.61 17.88 -5.73
C TYR C 172 -43.09 17.99 -7.19
N TRP C 173 -42.40 18.82 -8.00
CA TRP C 173 -42.66 18.96 -9.45
C TRP C 173 -41.79 18.04 -10.33
N MET C 174 -40.89 17.30 -9.71
CA MET C 174 -39.83 16.54 -10.38
C MET C 174 -40.45 15.25 -10.90
N ALA C 175 -40.06 14.84 -12.11
CA ALA C 175 -40.54 13.59 -12.73
C ALA C 175 -39.81 12.37 -12.12
N PRO C 176 -40.40 11.15 -12.20
CA PRO C 176 -39.77 9.94 -11.60
C PRO C 176 -38.34 9.67 -12.05
N GLU C 177 -38.11 9.71 -13.37
CA GLU C 177 -36.76 9.57 -13.95
C GLU C 177 -35.73 10.61 -13.47
N VAL C 178 -36.19 11.82 -13.17
CA VAL C 178 -35.36 12.91 -12.65
C VAL C 178 -35.02 12.65 -11.18
N ALA C 179 -36.02 12.22 -10.41
CA ALA C 179 -35.84 11.80 -9.00
C ALA C 179 -34.89 10.60 -8.85
N ALA C 180 -35.08 9.59 -9.70
CA ALA C 180 -34.20 8.40 -9.77
C ALA C 180 -32.73 8.78 -9.89
N VAL C 181 -32.45 9.66 -10.85
CA VAL C 181 -31.08 10.15 -11.09
C VAL C 181 -30.58 11.09 -9.98
N ALA C 182 -31.46 11.89 -9.36
CA ALA C 182 -31.09 12.72 -8.19
C ALA C 182 -30.56 11.91 -7.00
N LEU C 183 -31.17 10.74 -6.75
CA LEU C 183 -30.74 9.81 -5.72
C LEU C 183 -29.50 9.01 -6.13
N LYS C 184 -29.58 8.34 -7.28
CA LYS C 184 -28.51 7.45 -7.80
C LYS C 184 -27.24 8.20 -8.20
N GLY C 185 -27.42 9.22 -9.01
CA GLY C 185 -26.36 10.15 -9.37
C GLY C 185 -25.34 9.66 -10.38
N GLY C 186 -25.71 8.65 -11.19
CA GLY C 186 -24.83 8.10 -12.24
C GLY C 186 -23.90 6.98 -11.82
N TYR C 187 -23.68 6.80 -10.51
CA TYR C 187 -22.80 5.76 -9.98
C TYR C 187 -23.42 4.37 -10.22
N ASN C 188 -22.72 3.56 -11.04
CA ASN C 188 -22.95 2.09 -11.16
C ASN C 188 -21.76 1.37 -10.51
N GLU C 189 -21.78 0.03 -10.47
CA GLU C 189 -20.69 -0.74 -9.81
C GLU C 189 -19.31 -0.58 -10.49
N LEU C 190 -19.30 -0.56 -11.82
CA LEU C 190 -18.05 -0.47 -12.59
C LEU C 190 -17.35 0.90 -12.56
N CYS C 191 -18.01 1.94 -12.05
CA CYS C 191 -17.35 3.24 -11.80
C CYS C 191 -16.24 3.18 -10.72
N ASP C 192 -16.36 2.26 -9.78
CA ASP C 192 -15.29 2.00 -8.78
C ASP C 192 -13.98 1.48 -9.41
N ILE C 193 -14.10 0.75 -10.52
CA ILE C 193 -12.94 0.22 -11.27
C ILE C 193 -12.20 1.37 -11.96
N TRP C 194 -12.96 2.29 -12.60
CA TRP C 194 -12.37 3.53 -13.17
C TRP C 194 -11.58 4.28 -12.11
N SER C 195 -12.25 4.57 -10.99
CA SER C 195 -11.67 5.31 -9.87
C SER C 195 -10.41 4.67 -9.28
N LEU C 196 -10.35 3.33 -9.27
CA LEU C 196 -9.13 2.62 -8.88
C LEU C 196 -7.98 2.85 -9.86
N GLY C 197 -8.28 2.81 -11.16
CA GLY C 197 -7.34 3.19 -12.22
C GLY C 197 -6.73 4.57 -12.01
N ILE C 198 -7.58 5.55 -11.70
CA ILE C 198 -7.14 6.92 -11.38
C ILE C 198 -6.29 6.92 -10.11
N THR C 199 -6.74 6.19 -9.09
CA THR C 199 -6.00 6.05 -7.82
C THR C 199 -4.59 5.47 -8.05
N ALA C 200 -4.47 4.45 -8.90
CA ALA C 200 -3.17 3.87 -9.25
C ALA C 200 -2.21 4.90 -9.87
N ILE C 201 -2.73 5.77 -10.75
CA ILE C 201 -1.96 6.92 -11.27
C ILE C 201 -1.61 7.87 -10.11
N GLU C 202 -2.59 8.17 -9.26
CA GLU C 202 -2.42 9.08 -8.09
C GLU C 202 -1.28 8.63 -7.18
N LEU C 203 -1.28 7.34 -6.84
CA LEU C 203 -0.22 6.74 -6.04
C LEU C 203 1.13 6.76 -6.76
N ALA C 204 1.10 6.50 -8.07
CA ALA C 204 2.30 6.60 -8.93
C ALA C 204 2.90 8.02 -9.08
N GLU C 205 2.06 9.05 -9.06
CA GLU C 205 2.47 10.44 -9.41
C GLU C 205 2.17 11.55 -8.38
N LEU C 206 1.60 11.20 -7.22
CA LEU C 206 1.17 12.15 -6.15
C LEU C 206 -0.03 13.06 -6.42
N GLN C 207 -0.70 12.86 -7.56
CA GLN C 207 -1.88 13.63 -7.97
C GLN C 207 -2.67 12.78 -8.97
N PRO C 208 -4.02 12.92 -9.02
CA PRO C 208 -4.73 12.31 -10.13
C PRO C 208 -4.44 13.08 -11.46
N PRO C 209 -4.77 12.48 -12.62
CA PRO C 209 -4.74 13.24 -13.89
C PRO C 209 -5.63 14.48 -13.85
N LEU C 210 -5.19 15.53 -14.56
CA LEU C 210 -5.92 16.79 -14.67
C LEU C 210 -6.12 17.56 -13.35
N PHE C 211 -5.27 17.34 -12.34
N PHE C 211 -5.25 17.34 -12.34
CA PHE C 211 -5.40 17.96 -11.01
CA PHE C 211 -5.38 17.95 -11.01
C PHE C 211 -5.26 19.49 -11.01
C PHE C 211 -5.26 19.49 -11.01
N ASP C 212 -4.47 20.02 -11.95
CA ASP C 212 -4.29 21.47 -12.17
C ASP C 212 -5.33 22.14 -13.09
N VAL C 213 -6.20 21.33 -13.72
CA VAL C 213 -7.30 21.81 -14.58
C VAL C 213 -8.54 22.01 -13.70
N HIS C 214 -9.34 23.02 -14.07
CA HIS C 214 -10.57 23.41 -13.37
C HIS C 214 -11.63 22.27 -13.43
N PRO C 215 -12.31 21.92 -12.30
CA PRO C 215 -13.19 20.74 -12.24
C PRO C 215 -14.34 20.67 -13.26
N LEU C 216 -15.02 21.79 -13.50
CA LEU C 216 -16.04 21.91 -14.58
C LEU C 216 -15.49 21.60 -15.97
N ARG C 217 -14.31 22.12 -16.28
CA ARG C 217 -13.61 21.83 -17.52
C ARG C 217 -13.29 20.34 -17.67
N VAL C 218 -12.86 19.72 -16.57
CA VAL C 218 -12.59 18.27 -16.53
C VAL C 218 -13.89 17.48 -16.78
N LEU C 219 -14.97 17.88 -16.12
CA LEU C 219 -16.31 17.30 -16.34
C LEU C 219 -16.82 17.40 -17.78
N PHE C 220 -16.63 18.56 -18.40
CA PHE C 220 -16.96 18.76 -19.82
C PHE C 220 -16.13 17.86 -20.74
N LEU C 221 -14.82 17.83 -20.53
CA LEU C 221 -13.90 17.03 -21.36
C LEU C 221 -14.16 15.53 -21.29
N MET C 222 -14.40 15.02 -20.08
CA MET C 222 -14.84 13.61 -19.84
C MET C 222 -16.11 13.19 -20.58
N THR C 223 -17.04 14.13 -20.76
CA THR C 223 -18.31 13.89 -21.46
C THR C 223 -18.29 14.05 -23.00
N LYS C 224 -17.17 14.48 -23.57
CA LYS C 224 -17.03 14.60 -25.03
C LYS C 224 -16.89 13.25 -25.71
N SER C 225 -17.18 13.24 -27.01
CA SER C 225 -17.17 12.03 -27.85
C SER C 225 -15.76 11.44 -27.97
N GLY C 226 -14.79 12.28 -28.34
CA GLY C 226 -13.39 11.89 -28.48
C GLY C 226 -12.51 12.04 -27.23
N TYR C 227 -13.09 11.89 -26.03
CA TYR C 227 -12.32 11.93 -24.79
C TYR C 227 -11.31 10.79 -24.74
N GLN C 228 -10.06 11.13 -24.44
CA GLN C 228 -8.97 10.17 -24.29
C GLN C 228 -8.81 9.94 -22.79
N PRO C 229 -8.98 8.67 -22.31
CA PRO C 229 -8.65 8.34 -20.91
C PRO C 229 -7.20 8.69 -20.56
N PRO C 230 -6.93 9.11 -19.31
CA PRO C 230 -5.54 9.41 -18.93
C PRO C 230 -4.63 8.18 -18.88
N ARG C 231 -3.34 8.47 -18.84
CA ARG C 231 -2.27 7.48 -18.79
C ARG C 231 -1.19 7.97 -17.81
N LEU C 232 -0.30 7.05 -17.44
CA LEU C 232 0.92 7.37 -16.68
C LEU C 232 1.82 8.24 -17.58
N LYS C 233 2.41 9.30 -17.00
CA LYS C 233 3.21 10.28 -17.74
C LYS C 233 4.49 9.67 -18.32
N GLU C 234 5.29 9.06 -17.44
CA GLU C 234 6.56 8.45 -17.79
C GLU C 234 6.34 7.00 -18.22
N LYS C 235 6.76 6.63 -19.43
CA LYS C 235 6.53 5.27 -19.96
C LYS C 235 7.53 4.27 -19.39
N GLY C 236 8.83 4.60 -19.48
CA GLY C 236 9.92 3.69 -19.10
C GLY C 236 10.02 3.27 -17.63
N LYS C 237 9.50 4.13 -16.74
CA LYS C 237 9.47 3.86 -15.29
C LYS C 237 8.58 2.67 -14.88
N TRP C 238 7.51 2.44 -15.63
CA TRP C 238 6.47 1.45 -15.31
C TRP C 238 6.46 0.34 -16.34
N SER C 239 6.15 -0.89 -15.89
CA SER C 239 6.09 -2.05 -16.78
C SER C 239 4.85 -2.05 -17.68
N ALA C 240 4.91 -2.85 -18.73
CA ALA C 240 3.78 -3.06 -19.67
C ALA C 240 2.49 -3.52 -18.97
N ALA C 241 2.63 -4.38 -17.97
CA ALA C 241 1.48 -4.86 -17.16
C ALA C 241 0.79 -3.73 -16.38
N PHE C 242 1.57 -2.81 -15.82
CA PHE C 242 1.01 -1.62 -15.13
C PHE C 242 0.34 -0.67 -16.14
N HIS C 243 0.97 -0.43 -17.30
CA HIS C 243 0.33 0.35 -18.37
C HIS C 243 -0.99 -0.26 -18.84
N ASN C 244 -0.99 -1.60 -19.01
CA ASN C 244 -2.22 -2.33 -19.36
C ASN C 244 -3.31 -2.25 -18.29
N PHE C 245 -2.92 -2.35 -17.02
CA PHE C 245 -3.85 -2.17 -15.88
C PHE C 245 -4.61 -0.85 -15.99
N ILE C 246 -3.85 0.24 -16.21
CA ILE C 246 -4.41 1.59 -16.40
C ILE C 246 -5.30 1.66 -17.66
N LYS C 247 -4.88 1.01 -18.75
CA LYS C 247 -5.66 1.00 -20.00
C LYS C 247 -7.03 0.33 -19.85
N VAL C 248 -7.06 -0.86 -19.25
CA VAL C 248 -8.32 -1.61 -19.09
C VAL C 248 -9.24 -1.05 -18.01
N THR C 249 -8.66 -0.60 -16.88
CA THR C 249 -9.46 0.05 -15.83
C THR C 249 -10.10 1.35 -16.29
N LEU C 250 -9.38 2.11 -17.13
CA LEU C 250 -9.88 3.35 -17.72
C LEU C 250 -10.48 3.16 -19.12
N THR C 251 -11.32 2.12 -19.26
CA THR C 251 -12.18 1.94 -20.42
C THR C 251 -13.34 2.92 -20.25
N LYS C 252 -13.59 3.74 -21.27
CA LYS C 252 -14.62 4.79 -21.24
C LYS C 252 -16.03 4.21 -21.14
N SER C 253 -16.32 3.23 -22.01
CA SER C 253 -17.61 2.54 -22.01
C SER C 253 -17.74 1.62 -20.77
N PRO C 254 -18.82 1.79 -19.96
CA PRO C 254 -19.10 0.86 -18.85
C PRO C 254 -19.33 -0.61 -19.25
N LYS C 255 -19.92 -0.84 -20.44
CA LYS C 255 -20.15 -2.19 -20.97
C LYS C 255 -18.84 -2.97 -21.22
N LYS C 256 -17.83 -2.28 -21.77
CA LYS C 256 -16.50 -2.86 -22.05
C LYS C 256 -15.53 -2.90 -20.86
N ARG C 257 -15.83 -2.16 -19.79
CA ARG C 257 -14.91 -2.03 -18.63
C ARG C 257 -15.01 -3.27 -17.73
N PRO C 258 -13.86 -3.88 -17.37
CA PRO C 258 -13.86 -5.15 -16.64
C PRO C 258 -14.28 -5.01 -15.16
N SER C 259 -14.92 -6.06 -14.64
CA SER C 259 -15.35 -6.13 -13.23
C SER C 259 -14.17 -6.28 -12.27
N ALA C 260 -14.46 -6.17 -10.98
CA ALA C 260 -13.49 -6.39 -9.92
C ALA C 260 -12.93 -7.83 -9.93
N THR C 261 -13.82 -8.82 -10.10
CA THR C 261 -13.42 -10.24 -10.24
C THR C 261 -12.48 -10.46 -11.42
N LYS C 262 -12.87 -9.92 -12.59
CA LYS C 262 -12.02 -9.94 -13.81
C LYS C 262 -10.64 -9.32 -13.58
N MET C 263 -10.62 -8.15 -12.95
CA MET C 263 -9.36 -7.45 -12.66
C MET C 263 -8.44 -8.20 -11.68
N LEU C 264 -9.01 -8.98 -10.76
CA LEU C 264 -8.19 -9.81 -9.83
C LEU C 264 -7.36 -10.91 -10.51
N SER C 265 -7.77 -11.36 -11.71
CA SER C 265 -6.96 -12.27 -12.54
C SER C 265 -5.92 -11.58 -13.46
N HIS C 266 -5.80 -10.25 -13.38
CA HIS C 266 -4.86 -9.48 -14.19
C HIS C 266 -3.44 -9.62 -13.65
N GLN C 267 -2.45 -9.65 -14.54
CA GLN C 267 -1.03 -9.91 -14.25
C GLN C 267 -0.46 -9.08 -13.10
N LEU C 268 -0.67 -7.76 -13.19
CA LEU C 268 -0.23 -6.80 -12.15
C LEU C 268 -0.61 -7.20 -10.73
N VAL C 269 -1.88 -7.56 -10.51
CA VAL C 269 -2.38 -7.90 -9.16
C VAL C 269 -2.38 -9.40 -8.81
N SER C 270 -2.24 -10.28 -9.81
CA SER C 270 -2.11 -11.73 -9.60
C SER C 270 -0.67 -12.26 -9.46
N GLN C 271 0.34 -11.38 -9.57
CA GLN C 271 1.75 -11.76 -9.48
C GLN C 271 2.13 -12.17 -8.05
N PRO C 272 3.16 -13.05 -7.89
CA PRO C 272 3.63 -13.39 -6.56
C PRO C 272 4.43 -12.25 -5.90
N GLY C 273 4.67 -12.40 -4.61
CA GLY C 273 5.40 -11.40 -3.82
C GLY C 273 4.65 -10.13 -3.45
N LEU C 274 3.32 -10.09 -3.67
CA LEU C 274 2.49 -9.00 -3.21
C LEU C 274 1.96 -9.39 -1.82
N ASN C 275 2.49 -8.72 -0.80
CA ASN C 275 2.06 -8.89 0.59
C ASN C 275 2.28 -7.61 1.40
N ARG C 276 1.79 -7.60 2.63
CA ARG C 276 1.87 -6.44 3.55
C ARG C 276 3.28 -5.92 3.88
N GLY C 277 4.30 -6.75 3.72
CA GLY C 277 5.71 -6.35 3.82
C GLY C 277 6.08 -5.13 2.98
N LEU C 278 5.54 -5.07 1.77
CA LEU C 278 5.68 -3.92 0.85
C LEU C 278 5.24 -2.60 1.47
N ILE C 279 4.13 -2.64 2.21
CA ILE C 279 3.60 -1.48 2.95
C ILE C 279 4.35 -1.24 4.27
N LEU C 280 4.81 -2.29 4.94
CA LEU C 280 5.69 -2.14 6.13
C LEU C 280 7.01 -1.41 5.80
N ASP C 281 7.55 -1.65 4.61
CA ASP C 281 8.68 -0.86 4.08
C ASP C 281 8.33 0.61 3.87
N LEU C 282 7.14 0.88 3.32
CA LEU C 282 6.61 2.25 3.16
C LEU C 282 6.45 2.97 4.50
N LEU C 283 5.88 2.28 5.49
CA LEU C 283 5.76 2.81 6.87
C LEU C 283 7.10 3.03 7.56
N ASP C 284 8.11 2.24 7.21
CA ASP C 284 9.49 2.45 7.67
C ASP C 284 10.13 3.67 7.02
N LYS C 285 9.88 3.85 5.72
CA LYS C 285 10.25 5.09 4.99
C LYS C 285 9.61 6.34 5.61
N LEU C 286 8.34 6.22 5.99
CA LEU C 286 7.60 7.27 6.74
C LEU C 286 8.25 7.62 8.09
N LYS C 287 8.70 6.62 8.83
CA LYS C 287 9.36 6.81 10.15
C LYS C 287 10.81 7.33 10.04
N ASN C 288 11.59 6.76 9.11
CA ASN C 288 12.99 7.23 8.82
C ASN C 288 13.22 7.50 7.32
N PRO C 289 13.00 8.78 6.87
CA PRO C 289 13.24 9.13 5.46
C PRO C 289 14.70 9.05 5.00
N PRO D 1 -24.50 38.53 -31.15
CA PRO D 1 -24.87 38.79 -29.76
C PRO D 1 -24.13 40.01 -29.18
N ASP D 2 -24.84 41.14 -29.05
CA ASP D 2 -24.27 42.39 -28.56
C ASP D 2 -24.47 42.49 -27.06
N ILE D 3 -23.42 42.14 -26.32
CA ILE D 3 -23.28 42.45 -24.88
C ILE D 3 -22.62 43.84 -24.78
N PHE D 4 -23.37 44.82 -24.28
CA PHE D 4 -22.89 46.21 -24.16
C PHE D 4 -21.96 46.31 -22.94
N ASN D 5 -20.70 46.73 -23.14
CA ASN D 5 -19.73 46.80 -22.05
C ASN D 5 -19.79 48.20 -21.40
N ARG D 6 -20.91 48.41 -20.70
CA ARG D 6 -21.18 49.67 -19.96
C ARG D 6 -22.19 49.45 -18.80
N ASP D 7 -22.34 50.46 -17.93
CA ASP D 7 -23.15 50.38 -16.73
C ASP D 7 -24.64 50.44 -17.14
N PRO D 8 -25.46 49.44 -16.74
CA PRO D 8 -26.91 49.55 -16.99
C PRO D 8 -27.66 50.55 -16.11
N ARG D 9 -27.05 51.01 -15.00
CA ARG D 9 -27.58 52.13 -14.18
C ARG D 9 -27.70 53.46 -14.99
N ASP D 10 -26.84 53.66 -16.00
CA ASP D 10 -26.95 54.80 -16.93
C ASP D 10 -28.19 54.73 -17.84
N HIS D 11 -28.59 53.51 -18.22
CA HIS D 11 -29.77 53.28 -19.07
C HIS D 11 -31.07 53.03 -18.29
N TYR D 12 -30.99 52.32 -17.18
CA TYR D 12 -32.17 51.93 -16.37
C TYR D 12 -32.03 52.40 -14.90
N ASP D 13 -33.17 52.71 -14.29
CA ASP D 13 -33.27 53.02 -12.86
C ASP D 13 -33.94 51.85 -12.16
N LEU D 14 -33.25 51.27 -11.16
CA LEU D 14 -33.77 50.10 -10.43
C LEU D 14 -34.83 50.54 -9.43
N LEU D 15 -36.06 50.03 -9.59
CA LEU D 15 -37.20 50.41 -8.76
C LEU D 15 -37.34 49.50 -7.54
N GLN D 16 -37.55 48.21 -7.81
CA GLN D 16 -38.01 47.24 -6.81
C GLN D 16 -37.41 45.86 -7.06
N ARG D 17 -36.90 45.22 -6.00
CA ARG D 17 -36.47 43.82 -6.04
C ARG D 17 -37.70 42.90 -6.15
N LEU D 18 -37.72 42.08 -7.20
CA LEU D 18 -38.80 41.10 -7.45
C LEU D 18 -38.51 39.74 -6.80
N GLY D 19 -37.26 39.31 -6.85
CA GLY D 19 -36.83 38.04 -6.27
C GLY D 19 -35.36 37.75 -6.50
N GLY D 20 -34.93 36.55 -6.14
CA GLY D 20 -33.52 36.17 -6.27
C GLY D 20 -33.12 34.88 -5.59
N GLY D 21 -31.86 34.51 -5.78
CA GLY D 21 -31.29 33.32 -5.15
C GLY D 21 -29.77 33.36 -5.17
N THR D 22 -29.16 32.20 -5.42
CA THR D 22 -27.70 32.06 -5.49
C THR D 22 -27.15 32.71 -6.77
N TYR D 23 -27.85 32.49 -7.89
CA TYR D 23 -27.55 33.14 -9.20
C TYR D 23 -27.39 34.66 -9.17
N GLY D 24 -28.21 35.32 -8.34
CA GLY D 24 -28.28 36.78 -8.25
C GLY D 24 -29.72 37.26 -8.12
N GLU D 25 -29.97 38.47 -8.61
CA GLU D 25 -31.17 39.25 -8.30
C GLU D 25 -31.95 39.55 -9.58
N VAL D 26 -33.28 39.69 -9.47
CA VAL D 26 -34.14 40.22 -10.53
C VAL D 26 -34.88 41.46 -9.99
N PHE D 27 -34.72 42.59 -10.69
CA PHE D 27 -35.37 43.86 -10.34
C PHE D 27 -36.44 44.28 -11.36
N LYS D 28 -37.45 45.00 -10.87
CA LYS D 28 -38.29 45.88 -11.70
C LYS D 28 -37.46 47.13 -11.97
N ALA D 29 -37.36 47.52 -13.25
CA ALA D 29 -36.56 48.68 -13.66
C ALA D 29 -37.24 49.50 -14.76
N ARG D 30 -37.05 50.82 -14.71
CA ARG D 30 -37.64 51.77 -15.65
C ARG D 30 -36.58 52.29 -16.61
N ASP D 31 -36.90 52.29 -17.89
CA ASP D 31 -36.04 52.88 -18.92
C ASP D 31 -36.12 54.41 -18.81
N LYS D 32 -34.96 55.05 -18.77
CA LYS D 32 -34.84 56.49 -18.49
C LYS D 32 -35.38 57.38 -19.61
N VAL D 33 -35.10 57.01 -20.87
CA VAL D 33 -35.54 57.73 -22.07
C VAL D 33 -36.94 57.25 -22.48
N SER D 34 -37.04 55.97 -22.86
CA SER D 34 -38.27 55.40 -23.46
C SER D 34 -39.47 55.24 -22.48
N GLY D 35 -39.20 55.21 -21.18
CA GLY D 35 -40.23 54.97 -20.16
C GLY D 35 -40.74 53.54 -20.01
N ASP D 36 -40.15 52.58 -20.74
CA ASP D 36 -40.56 51.17 -20.69
C ASP D 36 -40.15 50.57 -19.34
N LEU D 37 -41.06 49.79 -18.76
CA LEU D 37 -40.74 48.95 -17.59
C LEU D 37 -40.12 47.66 -18.09
N VAL D 38 -39.04 47.23 -17.43
CA VAL D 38 -38.34 45.97 -17.75
C VAL D 38 -38.06 45.17 -16.49
N ALA D 39 -37.75 43.89 -16.71
CA ALA D 39 -37.17 43.00 -15.70
C ALA D 39 -35.67 42.93 -15.94
N LEU D 40 -34.88 43.35 -14.95
CA LEU D 40 -33.40 43.33 -15.02
C LEU D 40 -32.85 42.22 -14.12
N LYS D 41 -32.36 41.13 -14.72
CA LYS D 41 -31.77 39.99 -13.99
C LYS D 41 -30.26 40.19 -13.85
N MET D 42 -29.81 40.55 -12.63
CA MET D 42 -28.39 40.60 -12.28
C MET D 42 -27.86 39.18 -12.01
N VAL D 43 -26.75 38.83 -12.66
CA VAL D 43 -26.11 37.51 -12.54
C VAL D 43 -24.63 37.76 -12.19
N LYS D 44 -24.20 37.29 -11.01
CA LYS D 44 -22.81 37.46 -10.56
C LYS D 44 -21.90 36.51 -11.33
N MET D 45 -20.84 37.06 -11.92
CA MET D 45 -19.85 36.31 -12.72
C MET D 45 -18.60 35.97 -11.89
N GLU D 46 -18.24 34.68 -11.83
CA GLU D 46 -16.99 34.22 -11.19
C GLU D 46 -15.80 34.50 -12.14
N PRO D 47 -14.58 34.76 -11.60
CA PRO D 47 -13.42 35.16 -12.43
C PRO D 47 -12.98 34.18 -13.55
N ASP D 48 -13.10 32.87 -13.30
CA ASP D 48 -12.70 31.81 -14.27
C ASP D 48 -13.91 31.24 -15.03
N ASP D 49 -14.60 32.14 -15.73
CA ASP D 49 -15.76 31.82 -16.59
C ASP D 49 -15.40 32.06 -18.04
N ASP D 50 -15.75 31.10 -18.92
CA ASP D 50 -15.51 31.22 -20.36
C ASP D 50 -16.42 32.30 -20.97
N VAL D 51 -15.79 33.35 -21.50
CA VAL D 51 -16.50 34.43 -22.22
C VAL D 51 -17.17 33.94 -23.51
N SER D 52 -16.53 32.98 -24.19
CA SER D 52 -17.08 32.31 -25.38
C SER D 52 -18.41 31.58 -25.13
N THR D 53 -18.50 30.88 -23.99
CA THR D 53 -19.75 30.17 -23.60
C THR D 53 -20.86 31.16 -23.21
N LEU D 54 -20.49 32.22 -22.48
CA LEU D 54 -21.37 33.37 -22.17
C LEU D 54 -21.96 34.03 -23.43
N GLN D 55 -21.11 34.21 -24.45
CA GLN D 55 -21.53 34.72 -25.76
C GLN D 55 -22.52 33.80 -26.46
N LYS D 56 -22.25 32.49 -26.45
CA LYS D 56 -23.16 31.46 -26.97
C LYS D 56 -24.48 31.37 -26.19
N GLU D 57 -24.44 31.56 -24.87
CA GLU D 57 -25.64 31.55 -24.02
C GLU D 57 -26.56 32.75 -24.23
N ILE D 58 -25.97 33.94 -24.39
CA ILE D 58 -26.75 35.17 -24.74
C ILE D 58 -27.28 35.12 -26.19
N LEU D 59 -26.50 34.53 -27.10
CA LEU D 59 -26.95 34.21 -28.46
C LEU D 59 -28.13 33.23 -28.48
N ILE D 60 -28.12 32.24 -27.57
CA ILE D 60 -29.26 31.33 -27.34
C ILE D 60 -30.50 32.08 -26.83
N LEU D 61 -30.32 33.01 -25.90
CA LEU D 61 -31.40 33.90 -25.42
C LEU D 61 -31.93 34.87 -26.50
N LYS D 62 -31.03 35.39 -27.32
CA LYS D 62 -31.39 36.29 -28.43
C LYS D 62 -32.22 35.59 -29.51
N THR D 63 -31.76 34.42 -29.94
CA THR D 63 -32.47 33.57 -30.91
C THR D 63 -33.79 32.95 -30.40
N CYS D 64 -33.92 32.74 -29.08
CA CYS D 64 -35.16 32.23 -28.45
C CYS D 64 -36.29 33.29 -28.43
N ARG D 65 -36.98 33.40 -29.57
CA ARG D 65 -38.14 34.30 -29.75
C ARG D 65 -39.42 33.48 -29.87
N HIS D 66 -40.36 33.73 -28.95
CA HIS D 66 -41.67 33.10 -28.94
C HIS D 66 -42.59 33.88 -28.00
N ALA D 67 -43.87 33.95 -28.35
CA ALA D 67 -44.89 34.71 -27.59
C ALA D 67 -44.96 34.32 -26.11
N ASN D 68 -45.02 33.02 -25.84
CA ASN D 68 -45.07 32.46 -24.49
C ASN D 68 -43.72 32.33 -23.70
N ILE D 69 -42.61 32.82 -24.26
CA ILE D 69 -41.34 32.96 -23.52
C ILE D 69 -41.09 34.45 -23.32
N VAL D 70 -40.58 34.83 -22.13
CA VAL D 70 -40.21 36.22 -21.84
C VAL D 70 -39.17 36.71 -22.85
N ALA D 71 -39.42 37.87 -23.46
CA ALA D 71 -38.54 38.44 -24.49
C ALA D 71 -37.23 38.95 -23.89
N TYR D 72 -36.14 38.69 -24.60
CA TYR D 72 -34.82 39.24 -24.33
C TYR D 72 -34.68 40.57 -25.10
N HIS D 73 -34.34 41.64 -24.39
CA HIS D 73 -34.10 42.98 -24.98
C HIS D 73 -32.62 43.23 -25.22
N GLY D 74 -31.81 43.02 -24.19
CA GLY D 74 -30.36 43.20 -24.29
C GLY D 74 -29.57 42.76 -23.06
N SER D 75 -28.25 42.93 -23.16
CA SER D 75 -27.30 42.52 -22.13
C SER D 75 -26.32 43.64 -21.79
N TYR D 76 -25.91 43.69 -20.52
CA TYR D 76 -24.80 44.52 -20.05
C TYR D 76 -23.82 43.67 -19.22
N LEU D 77 -22.52 43.76 -19.52
CA LEU D 77 -21.45 43.18 -18.70
C LEU D 77 -20.68 44.34 -18.07
N TRP D 78 -20.74 44.45 -16.75
CA TRP D 78 -20.13 45.57 -16.01
C TRP D 78 -19.73 45.14 -14.59
N LEU D 79 -18.41 45.12 -14.31
CA LEU D 79 -17.83 44.83 -12.98
C LEU D 79 -18.14 43.43 -12.45
N GLN D 80 -17.89 42.43 -13.31
CA GLN D 80 -18.18 41.01 -13.05
C GLN D 80 -19.64 40.72 -12.61
N LYS D 81 -20.58 41.43 -13.24
CA LYS D 81 -22.02 41.26 -13.08
C LYS D 81 -22.65 41.34 -14.46
N LEU D 82 -23.20 40.21 -14.94
CA LEU D 82 -24.00 40.18 -16.17
C LEU D 82 -25.42 40.62 -15.82
N TRP D 83 -25.91 41.64 -16.52
CA TRP D 83 -27.31 42.08 -16.43
C TRP D 83 -28.03 41.67 -17.71
N ILE D 84 -29.20 41.05 -17.57
CA ILE D 84 -30.02 40.59 -18.70
C ILE D 84 -31.34 41.36 -18.61
N CYS D 85 -31.54 42.29 -19.54
CA CYS D 85 -32.76 43.09 -19.63
C CYS D 85 -33.83 42.29 -20.37
N MET D 86 -35.00 42.14 -19.75
CA MET D 86 -36.08 41.27 -20.23
C MET D 86 -37.44 41.93 -20.12
N GLU D 87 -38.41 41.29 -20.78
CA GLU D 87 -39.83 41.62 -20.68
C GLU D 87 -40.31 41.58 -19.23
N PHE D 88 -41.01 42.63 -18.82
CA PHE D 88 -41.63 42.73 -17.50
C PHE D 88 -43.04 42.11 -17.57
N CYS D 89 -43.40 41.32 -16.55
CA CYS D 89 -44.73 40.73 -16.40
C CYS D 89 -45.34 41.24 -15.11
N GLY D 90 -46.21 42.25 -15.23
CA GLY D 90 -46.68 43.08 -14.11
C GLY D 90 -47.52 42.44 -13.01
N ALA D 91 -48.11 41.27 -13.25
CA ALA D 91 -48.88 40.53 -12.22
C ALA D 91 -48.06 39.47 -11.44
N GLY D 92 -46.76 39.35 -11.71
CA GLY D 92 -45.91 38.35 -11.06
C GLY D 92 -46.20 36.94 -11.54
N SER D 93 -45.91 35.97 -10.69
CA SER D 93 -46.14 34.56 -10.99
C SER D 93 -47.56 34.15 -10.67
N LEU D 94 -47.96 33.00 -11.20
CA LEU D 94 -49.22 32.35 -10.79
C LEU D 94 -49.28 31.97 -9.31
N GLN D 95 -48.13 31.65 -8.71
CA GLN D 95 -48.00 31.43 -7.27
C GLN D 95 -48.40 32.67 -6.47
N ASP D 96 -47.80 33.80 -6.82
CA ASP D 96 -48.13 35.09 -6.20
C ASP D 96 -49.63 35.41 -6.28
N ILE D 97 -50.24 35.04 -7.41
CA ILE D 97 -51.67 35.25 -7.66
C ILE D 97 -52.54 34.29 -6.83
N TYR D 98 -52.33 32.98 -6.96
CA TYR D 98 -53.21 31.99 -6.28
C TYR D 98 -53.20 32.06 -4.75
N GLN D 99 -52.07 32.48 -4.18
CA GLN D 99 -51.93 32.75 -2.74
C GLN D 99 -52.86 33.85 -2.20
N VAL D 100 -53.29 34.77 -3.08
CA VAL D 100 -54.31 35.79 -2.77
C VAL D 100 -55.70 35.34 -3.27
N THR D 101 -55.79 34.93 -4.54
CA THR D 101 -57.09 34.62 -5.17
C THR D 101 -57.72 33.29 -4.76
N GLY D 102 -56.92 32.34 -4.27
CA GLY D 102 -57.34 30.95 -4.12
C GLY D 102 -57.23 30.23 -5.44
N SER D 103 -57.84 29.03 -5.51
CA SER D 103 -57.65 28.12 -6.65
C SER D 103 -58.22 28.70 -7.95
N LEU D 104 -57.52 28.41 -9.05
CA LEU D 104 -57.98 28.79 -10.38
C LEU D 104 -59.13 27.87 -10.79
N SER D 105 -60.00 28.38 -11.68
CA SER D 105 -61.04 27.56 -12.29
C SER D 105 -60.42 26.64 -13.33
N GLU D 106 -61.20 25.66 -13.78
CA GLU D 106 -60.74 24.71 -14.80
C GLU D 106 -60.37 25.38 -16.11
N LEU D 107 -61.20 26.32 -16.56
CA LEU D 107 -60.95 27.06 -17.81
C LEU D 107 -59.68 27.91 -17.75
N GLN D 108 -59.45 28.55 -16.59
CA GLN D 108 -58.20 29.30 -16.32
C GLN D 108 -56.97 28.40 -16.38
N ILE D 109 -57.04 27.23 -15.72
CA ILE D 109 -55.94 26.26 -15.74
C ILE D 109 -55.71 25.73 -17.17
N SER D 110 -56.80 25.44 -17.87
CA SER D 110 -56.74 24.98 -19.26
C SER D 110 -56.04 25.97 -20.20
N TYR D 111 -56.35 27.26 -20.04
CA TYR D 111 -55.69 28.34 -20.80
C TYR D 111 -54.19 28.43 -20.44
N VAL D 112 -53.89 28.47 -19.14
CA VAL D 112 -52.47 28.47 -18.68
C VAL D 112 -51.68 27.30 -19.27
N CYS D 113 -52.25 26.09 -19.18
CA CYS D 113 -51.61 24.89 -19.71
C CYS D 113 -51.34 24.93 -21.21
N ARG D 114 -52.31 25.44 -21.98
CA ARG D 114 -52.12 25.64 -23.43
C ARG D 114 -50.94 26.55 -23.72
N GLU D 115 -50.86 27.66 -23.02
CA GLU D 115 -49.78 28.64 -23.22
C GLU D 115 -48.41 28.15 -22.80
N VAL D 116 -48.35 27.39 -21.68
CA VAL D 116 -47.09 26.75 -21.25
C VAL D 116 -46.64 25.70 -22.28
N LEU D 117 -47.57 24.87 -22.74
CA LEU D 117 -47.30 23.86 -23.78
C LEU D 117 -46.81 24.44 -25.11
N GLN D 118 -47.39 25.57 -25.49
CA GLN D 118 -46.90 26.36 -26.63
C GLN D 118 -45.46 26.82 -26.42
N GLY D 119 -45.17 27.35 -25.23
CA GLY D 119 -43.80 27.64 -24.80
C GLY D 119 -42.87 26.44 -24.80
N LEU D 120 -43.33 25.32 -24.24
CA LEU D 120 -42.51 24.09 -24.15
C LEU D 120 -42.24 23.42 -25.49
N ALA D 121 -43.26 23.37 -26.35
CA ALA D 121 -43.10 22.81 -27.72
C ALA D 121 -42.05 23.56 -28.53
N TYR D 122 -42.00 24.88 -28.36
CA TYR D 122 -40.95 25.71 -28.94
C TYR D 122 -39.56 25.40 -28.35
N LEU D 123 -39.46 25.40 -27.02
CA LEU D 123 -38.18 25.07 -26.33
C LEU D 123 -37.64 23.69 -26.70
N HIS D 124 -38.53 22.69 -26.77
CA HIS D 124 -38.14 21.32 -27.15
C HIS D 124 -37.72 21.20 -28.63
N SER D 125 -38.36 21.99 -29.52
CA SER D 125 -37.92 22.07 -30.93
C SER D 125 -36.52 22.68 -31.11
N GLN D 126 -36.12 23.57 -30.19
CA GLN D 126 -34.76 24.12 -30.09
C GLN D 126 -33.75 23.24 -29.30
N LYS D 127 -34.10 21.97 -29.01
CA LYS D 127 -33.27 21.04 -28.22
C LYS D 127 -32.98 21.50 -26.76
N LYS D 128 -33.88 22.31 -26.19
CA LYS D 128 -33.76 22.80 -24.81
C LYS D 128 -34.73 22.08 -23.89
N ILE D 129 -34.47 22.21 -22.60
CA ILE D 129 -35.33 21.68 -21.52
C ILE D 129 -35.49 22.83 -20.52
N HIS D 130 -36.72 23.11 -20.11
CA HIS D 130 -36.97 24.15 -19.09
C HIS D 130 -36.45 23.74 -17.71
N ARG D 131 -36.72 22.49 -17.32
CA ARG D 131 -36.23 21.86 -16.06
C ARG D 131 -36.92 22.28 -14.76
N ASP D 132 -37.84 23.25 -14.80
CA ASP D 132 -38.40 23.86 -13.58
C ASP D 132 -39.78 24.52 -13.81
N ILE D 133 -40.66 23.79 -14.52
CA ILE D 133 -42.03 24.21 -14.73
C ILE D 133 -42.79 24.08 -13.41
N LYS D 134 -43.25 25.23 -12.93
CA LYS D 134 -44.07 25.31 -11.73
C LYS D 134 -44.75 26.66 -11.71
N GLY D 135 -45.78 26.77 -10.88
CA GLY D 135 -46.57 27.99 -10.71
C GLY D 135 -45.75 29.25 -10.49
N ALA D 136 -44.70 29.14 -9.66
CA ALA D 136 -43.79 30.28 -9.39
C ALA D 136 -42.95 30.76 -10.58
N ASN D 137 -42.77 29.92 -11.59
CA ASN D 137 -42.01 30.23 -12.82
C ASN D 137 -42.87 30.48 -14.09
N ILE D 138 -44.19 30.53 -13.93
CA ILE D 138 -45.12 30.90 -15.00
C ILE D 138 -45.61 32.29 -14.63
N LEU D 139 -45.21 33.28 -15.43
CA LEU D 139 -45.49 34.70 -15.18
C LEU D 139 -46.68 35.21 -15.98
N ILE D 140 -47.34 36.21 -15.40
CA ILE D 140 -48.59 36.77 -15.89
C ILE D 140 -48.37 38.27 -16.05
N ASN D 141 -48.61 38.79 -17.26
CA ASN D 141 -48.62 40.27 -17.48
C ASN D 141 -50.00 40.86 -17.21
N ASP D 142 -50.07 42.18 -17.23
CA ASP D 142 -51.34 42.91 -16.97
C ASP D 142 -52.46 42.64 -18.01
N ALA D 143 -52.06 42.26 -19.23
CA ALA D 143 -52.97 41.81 -20.28
C ALA D 143 -53.55 40.40 -20.12
N GLY D 144 -53.14 39.65 -19.08
CA GLY D 144 -53.59 38.29 -18.84
C GLY D 144 -52.89 37.24 -19.69
N GLU D 145 -51.71 37.57 -20.21
CA GLU D 145 -50.93 36.67 -21.05
C GLU D 145 -49.90 35.91 -20.18
N VAL D 146 -49.51 34.74 -20.67
CA VAL D 146 -48.74 33.74 -19.94
C VAL D 146 -47.35 33.66 -20.57
N ARG D 147 -46.33 33.87 -19.73
CA ARG D 147 -44.92 33.81 -20.12
C ARG D 147 -44.16 32.83 -19.20
N LEU D 148 -43.28 32.01 -19.78
CA LEU D 148 -42.31 31.21 -19.02
C LEU D 148 -41.06 32.04 -18.73
N ALA D 149 -40.65 32.08 -17.45
CA ALA D 149 -39.35 32.63 -17.05
C ALA D 149 -38.30 31.53 -17.23
N ASP D 150 -37.23 31.83 -17.96
CA ASP D 150 -36.18 30.85 -18.32
C ASP D 150 -34.91 31.12 -17.50
N PHE D 151 -34.64 30.27 -16.50
CA PHE D 151 -33.49 30.41 -15.58
C PHE D 151 -32.24 29.59 -15.99
N GLY D 152 -32.26 28.97 -17.18
CA GLY D 152 -31.22 28.04 -17.61
C GLY D 152 -29.82 28.58 -17.78
N ILE D 153 -29.70 29.88 -18.11
CA ILE D 153 -28.41 30.58 -18.22
C ILE D 153 -27.50 30.53 -16.97
N SER D 154 -28.13 30.64 -15.79
CA SER D 154 -27.41 30.57 -14.50
C SER D 154 -26.83 29.19 -14.17
N ALA D 155 -27.38 28.11 -14.73
CA ALA D 155 -26.76 26.76 -14.65
C ALA D 155 -25.37 26.67 -15.31
N GLN D 156 -25.19 27.37 -16.44
CA GLN D 156 -23.95 27.34 -17.26
C GLN D 156 -22.80 28.27 -16.84
N ILE D 157 -23.08 29.27 -16.00
CA ILE D 157 -22.10 30.29 -15.55
C ILE D 157 -22.44 30.86 -14.15
N GLY D 158 -21.47 31.53 -13.53
CA GLY D 158 -21.68 32.27 -12.29
C GLY D 158 -21.82 31.45 -11.01
N ALA D 159 -22.46 32.04 -10.02
CA ALA D 159 -22.52 31.50 -8.64
C ALA D 159 -23.37 30.23 -8.47
N GLU D 160 -24.46 30.12 -9.23
CA GLU D 160 -25.28 28.90 -9.26
C GLU D 160 -24.51 27.68 -9.78
N LEU D 161 -23.69 27.89 -10.82
CA LEU D 161 -22.75 26.87 -11.32
C LEU D 161 -21.66 26.51 -10.29
N ALA D 162 -21.09 27.53 -9.64
CA ALA D 162 -20.14 27.34 -8.52
C ALA D 162 -20.74 26.52 -7.36
N ARG D 163 -22.02 26.75 -7.06
CA ARG D 163 -22.78 25.93 -6.08
C ARG D 163 -22.98 24.48 -6.55
N ARG D 164 -23.26 24.27 -7.84
CA ARG D 164 -23.33 22.90 -8.43
C ARG D 164 -22.00 22.13 -8.28
N LEU D 165 -20.88 22.80 -8.54
CA LEU D 165 -19.54 22.18 -8.45
C LEU D 165 -19.14 21.82 -7.02
N GLU D 166 -19.42 22.72 -6.07
CA GLU D 166 -19.24 22.46 -4.62
C GLU D 166 -20.01 21.24 -4.12
N PHE D 167 -21.26 21.10 -4.58
CA PHE D 167 -22.11 19.95 -4.20
C PHE D 167 -21.67 18.61 -4.81
N ILE D 168 -21.33 18.64 -6.10
CA ILE D 168 -20.79 17.47 -6.83
C ILE D 168 -19.41 17.01 -6.30
N GLY D 169 -18.61 17.94 -5.75
CA GLY D 169 -17.30 17.62 -5.20
C GLY D 169 -16.25 17.46 -6.29
N THR D 170 -15.05 17.07 -5.86
CA THR D 170 -13.91 16.92 -6.77
C THR D 170 -14.19 15.86 -7.85
N PRO D 171 -13.96 16.19 -9.14
CA PRO D 171 -14.32 15.26 -10.23
C PRO D 171 -13.19 14.36 -10.76
N TYR D 172 -11.98 14.48 -10.21
CA TYR D 172 -10.79 13.88 -10.84
C TYR D 172 -10.77 12.35 -10.85
N TRP D 173 -11.40 11.72 -9.85
CA TRP D 173 -11.53 10.24 -9.76
C TRP D 173 -12.85 9.70 -10.36
N MET D 174 -13.69 10.61 -10.85
CA MET D 174 -15.05 10.32 -11.30
C MET D 174 -14.97 9.68 -12.68
N ALA D 175 -15.77 8.64 -12.92
CA ALA D 175 -15.83 7.98 -14.24
C ALA D 175 -16.65 8.83 -15.24
N PRO D 176 -16.46 8.63 -16.57
CA PRO D 176 -17.18 9.43 -17.59
C PRO D 176 -18.72 9.43 -17.45
N GLU D 177 -19.30 8.24 -17.29
CA GLU D 177 -20.75 8.08 -17.02
C GLU D 177 -21.27 8.80 -15.78
N VAL D 178 -20.43 8.90 -14.75
CA VAL D 178 -20.75 9.61 -13.50
C VAL D 178 -20.69 11.13 -13.73
N ALA D 179 -19.67 11.58 -14.44
CA ALA D 179 -19.55 13.00 -14.88
C ALA D 179 -20.70 13.46 -15.77
N ALA D 180 -21.06 12.63 -16.75
CA ALA D 180 -22.22 12.83 -17.62
C ALA D 180 -23.50 13.15 -16.85
N VAL D 181 -23.78 12.30 -15.87
CA VAL D 181 -24.94 12.45 -15.00
C VAL D 181 -24.81 13.65 -14.02
N ALA D 182 -23.60 13.95 -13.55
CA ALA D 182 -23.37 15.15 -12.71
C ALA D 182 -23.72 16.47 -13.40
N LEU D 183 -23.44 16.57 -14.71
CA LEU D 183 -23.81 17.74 -15.51
C LEU D 183 -25.28 17.70 -15.93
N LYS D 184 -25.66 16.63 -16.63
CA LYS D 184 -27.01 16.50 -17.23
C LYS D 184 -28.09 16.25 -16.19
N GLY D 185 -27.87 15.22 -15.36
CA GLY D 185 -28.88 14.71 -14.43
C GLY D 185 -29.85 13.80 -15.14
N GLY D 186 -31.01 13.60 -14.54
CA GLY D 186 -32.13 12.86 -15.15
C GLY D 186 -33.01 13.62 -16.15
N TYR D 187 -32.73 14.92 -16.33
CA TYR D 187 -33.54 15.80 -17.16
C TYR D 187 -33.43 15.43 -18.65
N ASN D 188 -34.56 15.00 -19.21
CA ASN D 188 -34.79 14.96 -20.67
C ASN D 188 -35.94 15.94 -20.96
N GLU D 189 -36.31 16.08 -22.23
CA GLU D 189 -37.37 17.04 -22.63
C GLU D 189 -38.75 16.72 -22.06
N LEU D 190 -39.11 15.44 -22.01
CA LEU D 190 -40.43 15.01 -21.53
C LEU D 190 -40.68 15.16 -20.02
N CYS D 191 -39.64 15.44 -19.23
CA CYS D 191 -39.81 15.80 -17.80
C CYS D 191 -40.60 17.11 -17.56
N ASP D 192 -40.53 18.05 -18.52
CA ASP D 192 -41.35 19.27 -18.49
C ASP D 192 -42.86 19.01 -18.56
N ILE D 193 -43.25 17.92 -19.24
CA ILE D 193 -44.65 17.53 -19.37
C ILE D 193 -45.18 17.01 -18.02
N TRP D 194 -44.37 16.16 -17.34
CA TRP D 194 -44.67 15.73 -15.98
C TRP D 194 -44.90 16.93 -15.06
N SER D 195 -43.92 17.83 -15.04
CA SER D 195 -43.95 19.03 -14.20
C SER D 195 -45.17 19.94 -14.46
N LEU D 196 -45.61 20.01 -15.72
CA LEU D 196 -46.85 20.73 -16.06
C LEU D 196 -48.10 20.07 -15.45
N GLY D 197 -48.16 18.74 -15.52
CA GLY D 197 -49.18 17.93 -14.83
C GLY D 197 -49.29 18.27 -13.36
N ILE D 198 -48.14 18.31 -12.68
CA ILE D 198 -48.07 18.67 -11.26
C ILE D 198 -48.51 20.13 -11.07
N THR D 199 -48.05 21.02 -11.93
CA THR D 199 -48.44 22.45 -11.92
C THR D 199 -49.95 22.64 -12.05
N ALA D 200 -50.59 21.89 -12.95
CA ALA D 200 -52.05 21.95 -13.09
C ALA D 200 -52.80 21.56 -11.81
N ILE D 201 -52.31 20.53 -11.12
CA ILE D 201 -52.80 20.17 -9.79
C ILE D 201 -52.54 21.31 -8.79
N GLU D 202 -51.32 21.88 -8.82
CA GLU D 202 -50.93 23.01 -7.95
C GLU D 202 -51.88 24.19 -8.08
N LEU D 203 -52.17 24.58 -9.33
CA LEU D 203 -53.13 25.67 -9.62
C LEU D 203 -54.56 25.30 -9.16
N ALA D 204 -54.93 24.04 -9.34
CA ALA D 204 -56.21 23.51 -8.86
C ALA D 204 -56.38 23.45 -7.34
N GLU D 205 -55.29 23.20 -6.60
CA GLU D 205 -55.34 22.87 -5.15
C GLU D 205 -54.46 23.73 -4.21
N LEU D 206 -53.74 24.73 -4.75
CA LEU D 206 -52.79 25.59 -4.00
C LEU D 206 -51.48 24.93 -3.49
N GLN D 207 -51.22 23.68 -3.88
CA GLN D 207 -50.09 22.89 -3.42
C GLN D 207 -49.83 21.82 -4.48
N PRO D 208 -48.56 21.46 -4.73
CA PRO D 208 -48.35 20.20 -5.49
C PRO D 208 -48.70 18.97 -4.60
N PRO D 209 -48.91 17.78 -5.20
CA PRO D 209 -49.11 16.56 -4.39
C PRO D 209 -47.95 16.29 -3.46
N LEU D 210 -48.27 15.79 -2.27
CA LEU D 210 -47.30 15.46 -1.23
C LEU D 210 -46.46 16.64 -0.70
N PHE D 211 -46.98 17.87 -0.78
N PHE D 211 -46.98 17.87 -0.78
CA PHE D 211 -46.25 19.08 -0.33
CA PHE D 211 -46.30 19.10 -0.33
C PHE D 211 -45.95 19.12 1.17
C PHE D 211 -45.97 19.14 1.16
N ASP D 212 -46.81 18.49 1.97
CA ASP D 212 -46.62 18.33 3.43
C ASP D 212 -45.77 17.10 3.85
N VAL D 213 -45.41 16.24 2.90
CA VAL D 213 -44.57 15.06 3.10
C VAL D 213 -43.10 15.46 2.88
N HIS D 214 -42.19 14.83 3.63
CA HIS D 214 -40.76 15.11 3.62
C HIS D 214 -40.13 14.78 2.25
N PRO D 215 -39.28 15.69 1.68
CA PRO D 215 -38.79 15.55 0.29
C PRO D 215 -38.05 14.25 -0.07
N LEU D 216 -37.17 13.79 0.82
CA LEU D 216 -36.51 12.45 0.70
C LEU D 216 -37.49 11.29 0.60
N ARG D 217 -38.52 11.30 1.45
CA ARG D 217 -39.62 10.32 1.40
C ARG D 217 -40.34 10.35 0.05
N VAL D 218 -40.61 11.56 -0.45
CA VAL D 218 -41.26 11.73 -1.75
C VAL D 218 -40.36 11.17 -2.88
N LEU D 219 -39.08 11.50 -2.83
CA LEU D 219 -38.07 10.98 -3.78
C LEU D 219 -37.95 9.45 -3.77
N PHE D 220 -37.95 8.85 -2.59
CA PHE D 220 -37.96 7.39 -2.44
C PHE D 220 -39.21 6.74 -3.04
N LEU D 221 -40.39 7.31 -2.72
CA LEU D 221 -41.68 6.77 -3.22
C LEU D 221 -41.80 6.83 -4.74
N MET D 222 -41.40 7.97 -5.34
CA MET D 222 -41.32 8.16 -6.81
C MET D 222 -40.44 7.13 -7.55
N THR D 223 -39.37 6.67 -6.90
CA THR D 223 -38.43 5.70 -7.46
C THR D 223 -38.80 4.20 -7.27
N LYS D 224 -39.87 3.91 -6.52
CA LYS D 224 -40.33 2.51 -6.34
C LYS D 224 -41.00 1.98 -7.61
N SER D 225 -41.11 0.65 -7.69
CA SER D 225 -41.65 -0.07 -8.86
C SER D 225 -43.13 0.24 -9.08
N GLY D 226 -43.93 0.06 -8.02
CA GLY D 226 -45.37 0.32 -8.05
C GLY D 226 -45.83 1.73 -7.69
N TYR D 227 -45.00 2.75 -7.97
CA TYR D 227 -45.37 4.14 -7.70
C TYR D 227 -46.58 4.54 -8.55
N GLN D 228 -47.58 5.11 -7.87
CA GLN D 228 -48.80 5.58 -8.48
C GLN D 228 -48.65 7.07 -8.67
N PRO D 229 -48.74 7.58 -9.94
CA PRO D 229 -48.75 9.02 -10.17
C PRO D 229 -49.89 9.73 -9.40
N PRO D 230 -49.65 10.98 -8.93
CA PRO D 230 -50.72 11.67 -8.21
C PRO D 230 -51.94 12.05 -9.07
N ARG D 231 -53.00 12.40 -8.38
CA ARG D 231 -54.30 12.74 -8.97
C ARG D 231 -54.87 13.96 -8.29
N LEU D 232 -55.89 14.52 -8.94
CA LEU D 232 -56.74 15.56 -8.33
C LEU D 232 -57.48 14.96 -7.13
N LYS D 233 -57.57 15.71 -6.04
CA LYS D 233 -58.12 15.24 -4.77
C LYS D 233 -59.62 15.01 -4.86
N GLU D 234 -60.34 16.05 -5.25
CA GLU D 234 -61.81 16.01 -5.42
C GLU D 234 -62.11 15.60 -6.85
N LYS D 235 -62.87 14.51 -7.05
CA LYS D 235 -63.16 14.03 -8.42
C LYS D 235 -64.29 14.84 -9.10
N GLY D 236 -65.39 15.05 -8.38
CA GLY D 236 -66.56 15.78 -8.86
C GLY D 236 -66.40 17.25 -9.25
N LYS D 237 -65.40 17.91 -8.67
CA LYS D 237 -65.08 19.31 -8.98
C LYS D 237 -64.58 19.54 -10.42
N TRP D 238 -63.93 18.55 -11.01
CA TRP D 238 -63.20 18.64 -12.28
C TRP D 238 -63.77 17.68 -13.32
N SER D 239 -63.74 18.07 -14.59
CA SER D 239 -64.28 17.25 -15.68
C SER D 239 -63.37 16.07 -16.01
N ALA D 240 -63.93 15.10 -16.73
CA ALA D 240 -63.21 13.93 -17.25
C ALA D 240 -61.97 14.28 -18.07
N ALA D 241 -62.09 15.33 -18.90
CA ALA D 241 -60.99 15.83 -19.72
C ALA D 241 -59.81 16.36 -18.88
N PHE D 242 -60.10 17.07 -17.79
CA PHE D 242 -59.07 17.53 -16.87
C PHE D 242 -58.40 16.35 -16.13
N HIS D 243 -59.20 15.39 -15.64
CA HIS D 243 -58.64 14.14 -15.06
C HIS D 243 -57.75 13.39 -16.06
N ASN D 244 -58.19 13.28 -17.31
CA ASN D 244 -57.40 12.64 -18.38
C ASN D 244 -56.10 13.40 -18.70
N PHE D 245 -56.16 14.74 -18.71
CA PHE D 245 -54.97 15.59 -18.88
C PHE D 245 -53.90 15.24 -17.85
N ILE D 246 -54.31 15.18 -16.59
CA ILE D 246 -53.44 14.78 -15.46
C ILE D 246 -52.92 13.34 -15.63
N LYS D 247 -53.78 12.43 -16.08
CA LYS D 247 -53.39 11.02 -16.29
C LYS D 247 -52.28 10.86 -17.34
N VAL D 248 -52.46 11.48 -18.50
CA VAL D 248 -51.49 11.35 -19.60
C VAL D 248 -50.20 12.15 -19.37
N THR D 249 -50.31 13.37 -18.81
CA THR D 249 -49.13 14.17 -18.44
C THR D 249 -48.26 13.49 -17.38
N LEU D 250 -48.90 12.81 -16.43
CA LEU D 250 -48.23 12.05 -15.38
C LEU D 250 -48.10 10.55 -15.73
N THR D 251 -47.66 10.27 -16.96
CA THR D 251 -47.23 8.92 -17.35
C THR D 251 -45.84 8.73 -16.75
N LYS D 252 -45.66 7.63 -16.01
CA LYS D 252 -44.43 7.36 -15.25
C LYS D 252 -43.23 7.11 -16.18
N SER D 253 -43.43 6.24 -17.17
CA SER D 253 -42.41 5.94 -18.18
C SER D 253 -42.21 7.14 -19.14
N PRO D 254 -40.96 7.67 -19.26
CA PRO D 254 -40.68 8.72 -20.26
C PRO D 254 -40.92 8.32 -21.73
N LYS D 255 -40.71 7.03 -22.06
CA LYS D 255 -40.96 6.51 -23.41
C LYS D 255 -42.43 6.60 -23.84
N LYS D 256 -43.34 6.30 -22.90
CA LYS D 256 -44.79 6.35 -23.15
C LYS D 256 -45.45 7.72 -22.89
N ARG D 257 -44.71 8.69 -22.33
CA ARG D 257 -45.25 10.01 -21.98
C ARG D 257 -45.35 10.89 -23.23
N PRO D 258 -46.51 11.55 -23.46
CA PRO D 258 -46.71 12.37 -24.66
C PRO D 258 -45.92 13.68 -24.66
N SER D 259 -45.47 14.08 -25.85
CA SER D 259 -44.75 15.34 -26.08
C SER D 259 -45.63 16.58 -25.90
N ALA D 260 -44.99 17.74 -25.93
CA ALA D 260 -45.70 19.03 -25.89
C ALA D 260 -46.64 19.21 -27.10
N THR D 261 -46.18 18.85 -28.30
CA THR D 261 -47.01 18.86 -29.53
C THR D 261 -48.23 17.95 -29.40
N LYS D 262 -48.01 16.72 -28.95
CA LYS D 262 -49.09 15.76 -28.64
C LYS D 262 -50.11 16.31 -27.65
N MET D 263 -49.62 16.89 -26.56
CA MET D 263 -50.49 17.48 -25.53
C MET D 263 -51.33 18.67 -26.03
N LEU D 264 -50.82 19.45 -26.98
CA LEU D 264 -51.59 20.55 -27.58
C LEU D 264 -52.84 20.12 -28.37
N SER D 265 -52.88 18.88 -28.85
CA SER D 265 -54.09 18.27 -29.45
C SER D 265 -55.05 17.60 -28.44
N HIS D 266 -54.79 17.73 -27.13
CA HIS D 266 -55.64 17.21 -26.08
C HIS D 266 -56.86 18.11 -25.91
N GLN D 267 -58.01 17.49 -25.64
CA GLN D 267 -59.33 18.14 -25.51
C GLN D 267 -59.33 19.36 -24.59
N LEU D 268 -58.80 19.18 -23.38
CA LEU D 268 -58.67 20.25 -22.36
C LEU D 268 -58.07 21.55 -22.91
N VAL D 269 -56.95 21.45 -23.62
CA VAL D 269 -56.23 22.63 -24.14
C VAL D 269 -56.58 23.04 -25.59
N SER D 270 -57.23 22.15 -26.34
CA SER D 270 -57.71 22.44 -27.71
C SER D 270 -59.15 22.97 -27.78
N GLN D 271 -59.85 23.08 -26.65
CA GLN D 271 -61.26 23.56 -26.62
C GLN D 271 -61.36 25.05 -26.97
N PRO D 272 -62.53 25.49 -27.52
CA PRO D 272 -62.72 26.92 -27.76
C PRO D 272 -62.97 27.70 -26.46
N GLY D 273 -62.91 29.03 -26.57
CA GLY D 273 -63.10 29.92 -25.44
C GLY D 273 -61.95 30.03 -24.44
N LEU D 274 -60.77 29.50 -24.78
CA LEU D 274 -59.56 29.69 -23.98
C LEU D 274 -58.84 30.90 -24.55
N ASN D 275 -58.85 31.98 -23.78
CA ASN D 275 -58.14 33.21 -24.09
C ASN D 275 -57.81 33.99 -22.80
N ARG D 276 -57.03 35.06 -22.96
CA ARG D 276 -56.55 35.91 -21.86
C ARG D 276 -57.61 36.56 -20.97
N GLY D 277 -58.86 36.71 -21.48
CA GLY D 277 -60.00 37.17 -20.68
C GLY D 277 -60.21 36.43 -19.37
N LEU D 278 -60.02 35.11 -19.44
CA LEU D 278 -60.08 34.22 -18.26
C LEU D 278 -59.12 34.66 -17.14
N ILE D 279 -57.91 35.07 -17.52
CA ILE D 279 -56.88 35.58 -16.59
C ILE D 279 -57.13 37.02 -16.18
N LEU D 280 -57.72 37.85 -17.07
CA LEU D 280 -58.21 39.18 -16.68
C LEU D 280 -59.28 39.13 -15.57
N ASP D 281 -60.14 38.11 -15.57
CA ASP D 281 -61.05 37.84 -14.43
C ASP D 281 -60.31 37.52 -13.14
N LEU D 282 -59.27 36.68 -13.24
CA LEU D 282 -58.40 36.34 -12.11
C LEU D 282 -57.68 37.55 -11.51
N LEU D 283 -57.12 38.39 -12.36
CA LEU D 283 -56.47 39.64 -11.93
C LEU D 283 -57.46 40.67 -11.36
N ASP D 284 -58.72 40.64 -11.81
CA ASP D 284 -59.79 41.44 -11.21
C ASP D 284 -60.18 40.94 -9.82
N LYS D 285 -60.25 39.62 -9.66
CA LYS D 285 -60.44 38.98 -8.35
C LYS D 285 -59.32 39.35 -7.35
N LEU D 286 -58.07 39.35 -7.86
CA LEU D 286 -56.91 39.79 -7.08
C LEU D 286 -56.99 41.25 -6.60
N LYS D 287 -57.44 42.14 -7.49
CA LYS D 287 -57.51 43.59 -7.19
C LYS D 287 -58.73 43.97 -6.35
N ASN D 288 -59.90 43.43 -6.70
CA ASN D 288 -61.16 43.63 -5.99
C ASN D 288 -61.66 42.28 -5.43
N PRO D 289 -61.27 41.92 -4.18
CA PRO D 289 -61.91 40.78 -3.49
C PRO D 289 -63.37 41.05 -3.10
#